data_4W2O
#
_entry.id   4W2O
#
_cell.length_a   57.998
_cell.length_b   108.657
_cell.length_c   141.272
_cell.angle_alpha   90.00
_cell.angle_beta   90.00
_cell.angle_gamma   90.00
#
_symmetry.space_group_name_H-M   'P 21 21 21'
#
loop_
_entity.id
_entity.type
_entity.pdbx_description
1 polymer 'Anti-Marburgvirus Nucleoprotein Single Domain Antibody B'
2 polymer Nucleoprotein
3 non-polymer 'SULFATE ION'
#
loop_
_entity_poly.entity_id
_entity_poly.type
_entity_poly.pdbx_seq_one_letter_code
_entity_poly.pdbx_strand_id
1 'polypeptide(L)'
;KVQLQESGGGLVQAGGSLRLSCAASGGTFSINTLGWYRRAPGKEREFVARISSGGITRYADSVKGRFTISRDNGKNTVYL
DMNSLKPEDTAVYYCMYRNWGGGLDVYWGQGTQVTVSSGGHHHHHH
;
A,C,E,G
2 'polypeptide(L)'
;MGHHHHHHGGGSSPSAPQEDTRMREAYELSPDFTNDEDNQQNWPQRVVTKKGRTFLYPNDLLQTNPPESLITALVEEYQN
PVSAKELQADWPDMSFDERRHVAMNL
;
B,D,F,H
#
# COMPACT_ATOMS: atom_id res chain seq x y z
N LYS A 1 5.07 -9.67 -33.10
CA LYS A 1 4.01 -8.70 -33.51
C LYS A 1 4.11 -7.43 -32.67
N VAL A 2 5.22 -7.28 -31.95
CA VAL A 2 5.49 -6.08 -31.17
C VAL A 2 6.97 -5.75 -31.35
N GLN A 3 7.24 -4.57 -31.92
CA GLN A 3 8.60 -4.13 -32.22
C GLN A 3 9.03 -3.09 -31.19
N LEU A 4 10.27 -3.21 -30.72
CA LEU A 4 10.88 -2.22 -29.82
C LEU A 4 12.26 -1.88 -30.37
N GLN A 5 12.36 -0.74 -31.04
CA GLN A 5 13.62 -0.25 -31.58
C GLN A 5 14.10 0.92 -30.72
N GLU A 6 15.23 0.72 -30.05
CA GLU A 6 15.83 1.77 -29.24
C GLU A 6 16.84 2.57 -30.06
N SER A 7 16.95 3.86 -29.77
CA SER A 7 17.90 4.73 -30.44
C SER A 7 18.69 5.51 -29.41
N GLY A 8 19.47 6.49 -29.87
CA GLY A 8 20.28 7.28 -28.97
C GLY A 8 21.34 6.42 -28.28
N GLY A 9 21.88 6.98 -27.21
CA GLY A 9 22.91 6.32 -26.45
C GLY A 9 24.26 6.39 -27.15
N GLY A 10 25.31 6.23 -26.35
CA GLY A 10 26.67 6.23 -26.85
C GLY A 10 27.69 6.36 -25.74
N LEU A 11 28.70 7.20 -25.95
CA LEU A 11 29.76 7.43 -24.99
C LEU A 11 29.74 8.91 -24.58
N VAL A 12 29.63 9.15 -23.28
CA VAL A 12 29.61 10.50 -22.73
C VAL A 12 30.58 10.55 -21.55
N GLN A 13 30.98 11.76 -21.21
CA GLN A 13 31.86 11.99 -20.07
C GLN A 13 31.04 12.41 -18.85
N ALA A 14 31.58 12.11 -17.67
CA ALA A 14 30.86 12.36 -16.43
C ALA A 14 30.29 13.77 -16.41
N GLY A 15 29.11 13.91 -15.81
CA GLY A 15 28.40 15.16 -15.80
C GLY A 15 27.59 15.44 -17.06
N GLY A 16 27.68 14.59 -18.06
CA GLY A 16 27.01 14.82 -19.33
C GLY A 16 25.51 14.58 -19.22
N SER A 17 24.88 14.53 -20.40
CA SER A 17 23.43 14.38 -20.49
C SER A 17 23.10 13.67 -21.80
N LEU A 18 22.74 12.39 -21.70
CA LEU A 18 22.33 11.60 -22.85
C LEU A 18 20.82 11.40 -22.82
N ARG A 19 20.26 11.05 -23.97
CA ARG A 19 18.84 10.81 -24.12
C ARG A 19 18.63 9.49 -24.87
N LEU A 20 17.85 8.60 -24.28
CA LEU A 20 17.44 7.36 -24.91
C LEU A 20 15.97 7.43 -25.28
N SER A 21 15.64 6.81 -26.41
CA SER A 21 14.26 6.75 -26.87
C SER A 21 13.98 5.35 -27.40
N CYS A 22 12.74 4.90 -27.20
CA CYS A 22 12.29 3.59 -27.60
C CYS A 22 10.93 3.71 -28.27
N ALA A 23 10.78 3.07 -29.43
CA ALA A 23 9.58 3.16 -30.24
C ALA A 23 8.92 1.81 -30.33
N ALA A 24 7.61 1.77 -30.10
CA ALA A 24 6.84 0.54 -30.11
C ALA A 24 5.87 0.54 -31.28
N SER A 25 5.62 -0.65 -31.83
CA SER A 25 4.68 -0.81 -32.92
C SER A 25 4.18 -2.25 -32.93
N GLY A 26 3.00 -2.45 -33.49
CA GLY A 26 2.40 -3.75 -33.63
C GLY A 26 1.27 -4.03 -32.67
N GLY A 27 1.04 -3.16 -31.70
CA GLY A 27 -0.07 -3.31 -30.76
C GLY A 27 -0.53 -1.97 -30.26
N THR A 28 -1.12 -1.96 -29.07
CA THR A 28 -1.52 -0.72 -28.43
C THR A 28 -0.33 -0.07 -27.74
N PHE A 29 -0.50 1.20 -27.37
CA PHE A 29 0.56 1.94 -26.71
C PHE A 29 0.00 2.83 -25.60
N SER A 30 -1.00 3.65 -25.94
CA SER A 30 -1.58 4.56 -24.95
C SER A 30 -2.01 3.83 -23.69
N ILE A 31 -2.42 2.58 -23.81
CA ILE A 31 -2.92 1.81 -22.66
C ILE A 31 -1.86 0.78 -22.25
N ASN A 32 -0.61 1.20 -22.14
CA ASN A 32 0.49 0.31 -21.81
C ASN A 32 1.50 1.01 -20.93
N THR A 33 2.14 0.23 -20.08
CA THR A 33 3.23 0.70 -19.23
C THR A 33 4.55 0.39 -19.93
N LEU A 34 5.41 1.40 -20.06
CA LEU A 34 6.73 1.25 -20.63
C LEU A 34 7.78 1.66 -19.62
N GLY A 35 8.99 1.16 -19.79
CA GLY A 35 10.05 1.46 -18.85
C GLY A 35 11.40 1.07 -19.40
N TRP A 36 12.42 1.20 -18.54
CA TRP A 36 13.80 0.93 -18.91
C TRP A 36 14.45 0.08 -17.83
N TYR A 37 15.15 -0.96 -18.27
CA TYR A 37 16.03 -1.76 -17.42
C TYR A 37 17.45 -1.69 -17.97
N ARG A 38 18.43 -1.76 -17.06
CA ARG A 38 19.83 -1.72 -17.44
C ARG A 38 20.59 -2.84 -16.74
N ARG A 39 21.57 -3.40 -17.45
CA ARG A 39 22.44 -4.44 -16.91
C ARG A 39 23.88 -3.96 -17.00
N ALA A 40 24.52 -3.80 -15.83
CA ALA A 40 25.90 -3.35 -15.77
C ALA A 40 26.81 -4.38 -16.42
N PRO A 41 28.09 -4.06 -16.67
CA PRO A 41 28.97 -5.03 -17.32
C PRO A 41 28.95 -6.42 -16.69
N GLY A 42 29.05 -6.49 -15.36
CA GLY A 42 29.13 -7.78 -14.69
C GLY A 42 27.91 -8.12 -13.84
N LYS A 43 26.89 -7.28 -13.88
CA LYS A 43 25.71 -7.47 -13.04
C LYS A 43 24.55 -8.02 -13.87
N GLU A 44 23.34 -7.94 -13.35
CA GLU A 44 22.13 -8.43 -13.99
C GLU A 44 21.16 -7.27 -14.19
N ARG A 45 20.14 -7.51 -14.99
CA ARG A 45 19.14 -6.50 -15.30
C ARG A 45 18.68 -5.79 -14.03
N GLU A 46 18.62 -4.46 -14.09
CA GLU A 46 18.27 -3.63 -12.94
C GLU A 46 17.23 -2.60 -13.37
N PHE A 47 16.22 -2.41 -12.54
CA PHE A 47 15.17 -1.43 -12.83
C PHE A 47 15.74 -0.02 -12.80
N VAL A 48 15.34 0.79 -13.78
CA VAL A 48 15.78 2.19 -13.85
C VAL A 48 14.58 3.11 -13.72
N ALA A 49 13.61 2.98 -14.62
CA ALA A 49 12.48 3.90 -14.64
C ALA A 49 11.26 3.22 -15.26
N ARG A 50 10.09 3.62 -14.77
CA ARG A 50 8.80 3.15 -15.25
C ARG A 50 7.92 4.36 -15.54
N ILE A 51 6.99 4.19 -16.48
CA ILE A 51 5.91 5.15 -16.68
C ILE A 51 4.66 4.40 -17.12
N SER A 52 3.57 4.57 -16.37
CA SER A 52 2.35 3.83 -16.62
C SER A 52 1.52 4.51 -17.71
N SER A 53 0.44 3.85 -18.12
CA SER A 53 -0.47 4.46 -19.07
C SER A 53 -1.08 5.73 -18.51
N GLY A 54 -1.29 5.79 -17.20
CA GLY A 54 -1.74 7.01 -16.54
C GLY A 54 -0.68 8.06 -16.38
N GLY A 55 0.55 7.80 -16.83
CA GLY A 55 1.63 8.77 -16.78
C GLY A 55 2.23 8.94 -15.40
N ILE A 56 2.52 7.82 -14.73
CA ILE A 56 3.04 7.83 -13.37
C ILE A 56 4.44 7.25 -13.39
N THR A 57 5.42 8.05 -12.98
CA THR A 57 6.82 7.69 -13.10
C THR A 57 7.30 7.03 -11.82
N ARG A 58 7.98 5.90 -11.95
CA ARG A 58 8.71 5.26 -10.85
C ARG A 58 10.19 5.21 -11.22
N TYR A 59 11.05 5.56 -10.26
CA TYR A 59 12.48 5.61 -10.48
C TYR A 59 13.19 4.76 -9.43
N ALA A 60 14.36 4.24 -9.82
CA ALA A 60 15.26 3.63 -8.86
C ALA A 60 15.91 4.69 -8.00
N ASP A 61 16.29 4.30 -6.78
CA ASP A 61 16.83 5.27 -5.83
C ASP A 61 18.12 5.89 -6.34
N SER A 62 18.99 5.08 -6.96
CA SER A 62 20.28 5.59 -7.41
C SER A 62 20.14 6.64 -8.50
N VAL A 63 19.14 6.51 -9.36
CA VAL A 63 18.97 7.40 -10.51
C VAL A 63 17.90 8.45 -10.28
N LYS A 64 17.21 8.41 -9.14
CA LYS A 64 16.13 9.37 -8.89
C LYS A 64 16.69 10.78 -8.79
N GLY A 65 15.95 11.75 -9.33
CA GLY A 65 16.38 13.12 -9.40
C GLY A 65 17.32 13.44 -10.56
N ARG A 66 18.10 12.47 -11.01
CA ARG A 66 19.00 12.65 -12.15
C ARG A 66 18.30 12.29 -13.46
N PHE A 67 17.77 11.08 -13.55
CA PHE A 67 17.10 10.60 -14.75
C PHE A 67 15.63 11.03 -14.74
N THR A 68 15.09 11.25 -15.94
CA THR A 68 13.70 11.63 -16.13
C THR A 68 13.14 10.85 -17.31
N ILE A 69 12.04 10.14 -17.08
CA ILE A 69 11.39 9.32 -18.09
C ILE A 69 10.09 10.00 -18.52
N SER A 70 9.87 10.03 -19.82
CA SER A 70 8.66 10.63 -20.38
C SER A 70 8.21 9.77 -21.57
N ARG A 71 6.93 9.90 -21.91
CA ARG A 71 6.35 9.18 -23.03
C ARG A 71 5.69 10.16 -23.99
N ASP A 72 5.54 9.71 -25.24
CA ASP A 72 4.92 10.51 -26.29
C ASP A 72 3.85 9.65 -26.96
N ASN A 73 2.64 9.66 -26.40
CA ASN A 73 1.53 8.97 -27.04
C ASN A 73 1.19 9.67 -28.34
N GLY A 74 0.79 8.89 -29.34
CA GLY A 74 0.63 9.38 -30.68
C GLY A 74 1.89 9.28 -31.52
N LYS A 75 3.06 9.25 -30.88
CA LYS A 75 4.32 8.93 -31.53
C LYS A 75 4.85 7.56 -31.14
N ASN A 76 4.19 6.87 -30.21
CA ASN A 76 4.59 5.53 -29.78
C ASN A 76 6.07 5.50 -29.40
N THR A 77 6.45 6.42 -28.52
CA THR A 77 7.84 6.52 -28.09
C THR A 77 7.90 6.91 -26.62
N VAL A 78 8.85 6.30 -25.91
CA VAL A 78 9.16 6.63 -24.52
C VAL A 78 10.59 7.16 -24.47
N TYR A 79 10.79 8.23 -23.72
CA TYR A 79 12.08 8.92 -23.64
C TYR A 79 12.62 8.84 -22.22
N LEU A 80 13.93 8.58 -22.12
CA LEU A 80 14.64 8.58 -20.85
C LEU A 80 15.73 9.64 -20.92
N ASP A 81 15.51 10.77 -20.25
CA ASP A 81 16.45 11.89 -20.25
C ASP A 81 17.39 11.73 -19.06
N MET A 82 18.61 11.28 -19.33
CA MET A 82 19.61 11.07 -18.29
C MET A 82 20.43 12.35 -18.11
N ASN A 83 20.67 12.72 -16.85
CA ASN A 83 21.41 13.93 -16.53
C ASN A 83 22.40 13.64 -15.41
N SER A 84 23.54 14.32 -15.47
CA SER A 84 24.60 14.15 -14.48
C SER A 84 25.02 12.69 -14.39
N LEU A 85 25.30 12.09 -15.54
CA LEU A 85 25.67 10.69 -15.58
C LEU A 85 26.93 10.44 -14.77
N LYS A 86 27.14 9.17 -14.42
CA LYS A 86 28.28 8.74 -13.62
C LYS A 86 28.78 7.41 -14.14
N PRO A 87 30.06 7.09 -13.91
CA PRO A 87 30.61 5.81 -14.39
C PRO A 87 29.74 4.60 -14.04
N GLU A 88 29.08 4.62 -12.90
CA GLU A 88 28.28 3.47 -12.48
C GLU A 88 27.06 3.28 -13.37
N ASP A 89 26.63 4.34 -14.07
CA ASP A 89 25.51 4.23 -14.99
C ASP A 89 25.88 3.56 -16.30
N THR A 90 27.15 3.21 -16.49
CA THR A 90 27.55 2.47 -17.68
C THR A 90 26.88 1.11 -17.70
N ALA A 91 26.06 0.87 -18.71
CA ALA A 91 25.33 -0.39 -18.81
C ALA A 91 24.58 -0.42 -20.13
N VAL A 92 24.12 -1.61 -20.50
CA VAL A 92 23.24 -1.78 -21.64
C VAL A 92 21.82 -1.50 -21.18
N TYR A 93 21.17 -0.55 -21.83
CA TYR A 93 19.83 -0.12 -21.45
C TYR A 93 18.81 -0.77 -22.36
N TYR A 94 17.86 -1.49 -21.77
CA TYR A 94 16.84 -2.23 -22.49
C TYR A 94 15.48 -1.56 -22.33
N CYS A 95 14.71 -1.55 -23.40
CA CYS A 95 13.36 -1.03 -23.37
C CYS A 95 12.39 -2.09 -22.86
N MET A 96 11.27 -1.62 -22.31
CA MET A 96 10.27 -2.50 -21.74
C MET A 96 8.90 -2.11 -22.26
N TYR A 97 8.07 -3.12 -22.51
CA TYR A 97 6.69 -2.93 -22.96
C TYR A 97 5.83 -3.89 -22.15
N ARG A 98 5.12 -3.37 -21.16
CA ARG A 98 4.38 -4.18 -20.19
C ARG A 98 2.90 -4.14 -20.55
N ASN A 99 2.42 -5.18 -21.21
CA ASN A 99 1.03 -5.29 -21.63
C ASN A 99 0.34 -6.42 -20.89
N TRP A 100 -0.88 -6.15 -20.41
CA TRP A 100 -1.66 -7.16 -19.72
C TRP A 100 -2.55 -7.91 -20.71
N GLY A 101 -3.83 -7.57 -20.77
CA GLY A 101 -4.75 -8.25 -21.65
C GLY A 101 -4.77 -9.75 -21.43
N GLY A 102 -3.95 -10.48 -22.17
CA GLY A 102 -3.99 -11.94 -22.12
C GLY A 102 -3.61 -12.48 -20.77
N GLY A 103 -2.82 -11.73 -20.01
CA GLY A 103 -2.38 -12.20 -18.71
C GLY A 103 -0.95 -11.82 -18.38
N LEU A 104 -0.55 -10.62 -18.83
CA LEU A 104 0.77 -10.07 -18.57
C LEU A 104 1.85 -10.75 -19.40
N ASP A 105 2.16 -10.17 -20.55
CA ASP A 105 3.38 -10.45 -21.27
C ASP A 105 4.32 -9.27 -21.11
N VAL A 106 5.62 -9.55 -21.08
CA VAL A 106 6.65 -8.53 -20.94
C VAL A 106 7.58 -8.65 -22.13
N TYR A 107 7.80 -7.53 -22.81
CA TYR A 107 8.61 -7.48 -24.02
C TYR A 107 9.80 -6.55 -23.78
N TRP A 108 10.93 -6.91 -24.37
CA TRP A 108 12.17 -6.16 -24.20
C TRP A 108 12.67 -5.66 -25.55
N GLY A 109 13.56 -4.68 -25.49
CA GLY A 109 14.29 -4.23 -26.66
C GLY A 109 15.63 -4.94 -26.80
N GLN A 110 16.29 -4.71 -27.93
CA GLN A 110 17.58 -5.33 -28.17
C GLN A 110 18.70 -4.72 -27.33
N GLY A 111 18.57 -3.45 -26.96
CA GLY A 111 19.53 -2.82 -26.08
C GLY A 111 20.29 -1.68 -26.71
N THR A 112 20.74 -0.73 -25.90
CA THR A 112 21.53 0.40 -26.35
C THR A 112 22.67 0.60 -25.37
N GLN A 113 23.90 0.65 -25.88
CA GLN A 113 25.06 0.80 -25.03
C GLN A 113 25.17 2.23 -24.52
N VAL A 114 25.53 2.37 -23.25
CA VAL A 114 25.78 3.66 -22.63
C VAL A 114 27.03 3.52 -21.76
N THR A 115 28.05 4.34 -22.03
CA THR A 115 29.31 4.27 -21.32
C THR A 115 29.69 5.67 -20.82
N VAL A 116 29.99 5.76 -19.54
CA VAL A 116 30.42 7.00 -18.91
C VAL A 116 31.86 6.81 -18.42
N SER A 117 32.74 7.72 -18.80
CA SER A 117 34.16 7.61 -18.50
C SER A 117 34.60 8.79 -17.64
N SER A 118 35.91 8.89 -17.42
CA SER A 118 36.48 9.95 -16.61
C SER A 118 35.95 9.89 -15.18
N TRP B 43 -26.51 2.57 -14.71
CA TRP B 43 -25.51 3.31 -13.95
C TRP B 43 -25.79 3.19 -12.45
N PRO B 44 -25.07 2.29 -11.74
CA PRO B 44 -24.02 1.36 -12.17
C PRO B 44 -24.57 0.00 -12.61
N GLN B 45 -24.13 -0.46 -13.77
CA GLN B 45 -24.64 -1.70 -14.35
C GLN B 45 -23.61 -2.82 -14.17
N ARG B 46 -24.08 -3.94 -13.63
CA ARG B 46 -23.23 -5.12 -13.53
C ARG B 46 -22.81 -5.58 -14.92
N VAL B 47 -21.53 -5.93 -15.05
CA VAL B 47 -20.94 -6.28 -16.34
C VAL B 47 -20.50 -7.74 -16.30
N VAL B 48 -20.78 -8.45 -17.38
CA VAL B 48 -20.27 -9.80 -17.59
C VAL B 48 -19.38 -9.76 -18.82
N THR B 49 -18.08 -9.97 -18.62
CA THR B 49 -17.15 -9.97 -19.72
C THR B 49 -17.13 -11.34 -20.40
N LYS B 50 -16.69 -11.34 -21.65
CA LYS B 50 -16.63 -12.56 -22.45
C LYS B 50 -16.15 -13.76 -21.64
N LYS B 51 -15.02 -13.61 -20.96
CA LYS B 51 -14.46 -14.70 -20.17
C LYS B 51 -15.25 -15.01 -18.89
N GLY B 52 -16.41 -14.41 -18.68
CA GLY B 52 -17.24 -14.75 -17.55
C GLY B 52 -16.80 -14.14 -16.23
N ARG B 53 -16.28 -12.91 -16.26
CA ARG B 53 -15.96 -12.17 -15.05
C ARG B 53 -17.04 -11.14 -14.79
N THR B 54 -17.18 -10.77 -13.52
CA THR B 54 -18.23 -9.86 -13.09
C THR B 54 -17.64 -8.70 -12.31
N PHE B 55 -18.12 -7.50 -12.59
CA PHE B 55 -17.75 -6.32 -11.83
C PHE B 55 -18.77 -5.23 -12.13
N LEU B 56 -18.82 -4.23 -11.27
CA LEU B 56 -19.82 -3.18 -11.34
C LEU B 56 -19.20 -1.99 -12.08
N TYR B 57 -19.68 -1.74 -13.30
CA TYR B 57 -19.13 -0.66 -14.12
C TYR B 57 -19.85 0.65 -13.87
N PRO B 58 -19.11 1.77 -13.76
CA PRO B 58 -17.66 1.92 -13.78
C PRO B 58 -17.03 1.88 -12.39
N ASN B 59 -17.88 1.77 -11.36
CA ASN B 59 -17.42 2.01 -9.99
C ASN B 59 -16.30 1.07 -9.59
N ASP B 60 -16.38 -0.21 -9.98
CA ASP B 60 -15.33 -1.16 -9.63
C ASP B 60 -14.01 -0.84 -10.33
N LEU B 61 -14.02 0.01 -11.35
CA LEU B 61 -12.79 0.43 -12.01
C LEU B 61 -12.23 1.74 -11.46
N LEU B 62 -12.98 2.43 -10.60
CA LEU B 62 -12.55 3.70 -10.03
C LEU B 62 -11.93 3.52 -8.64
N GLN B 63 -11.27 2.39 -8.40
CA GLN B 63 -10.73 2.05 -7.10
C GLN B 63 -9.24 1.76 -7.19
N THR B 64 -8.55 1.88 -6.06
CA THR B 64 -7.15 1.53 -5.98
C THR B 64 -6.93 0.05 -6.29
N ASN B 65 -7.91 -0.80 -5.95
CA ASN B 65 -7.79 -2.23 -6.17
C ASN B 65 -8.55 -2.64 -7.42
N PRO B 66 -8.07 -3.67 -8.13
CA PRO B 66 -8.79 -4.15 -9.30
C PRO B 66 -10.02 -4.91 -8.88
N PRO B 67 -11.00 -5.07 -9.77
CA PRO B 67 -12.17 -5.87 -9.44
C PRO B 67 -11.78 -7.24 -8.91
N GLU B 68 -12.38 -7.63 -7.78
CA GLU B 68 -12.01 -8.88 -7.15
C GLU B 68 -12.14 -10.08 -8.09
N SER B 69 -12.97 -9.96 -9.14
CA SER B 69 -13.10 -11.06 -10.09
C SER B 69 -11.78 -11.33 -10.81
N LEU B 70 -11.02 -10.27 -11.09
CA LEU B 70 -9.76 -10.42 -11.82
C LEU B 70 -8.69 -11.07 -10.95
N ILE B 71 -8.67 -10.74 -9.65
CA ILE B 71 -7.74 -11.39 -8.73
C ILE B 71 -7.98 -12.89 -8.72
N THR B 72 -9.24 -13.30 -8.47
CA THR B 72 -9.56 -14.72 -8.43
C THR B 72 -9.18 -15.42 -9.72
N ALA B 73 -9.58 -14.85 -10.85
CA ALA B 73 -9.25 -15.45 -12.15
C ALA B 73 -7.76 -15.73 -12.26
N LEU B 74 -6.92 -14.76 -11.87
CA LEU B 74 -5.48 -14.95 -12.02
C LEU B 74 -4.95 -15.97 -11.03
N VAL B 75 -5.55 -16.09 -9.85
CA VAL B 75 -5.05 -17.03 -8.85
C VAL B 75 -5.42 -18.45 -9.22
N GLU B 76 -6.70 -18.69 -9.52
CA GLU B 76 -7.20 -20.05 -9.70
C GLU B 76 -7.14 -20.51 -11.16
N GLU B 77 -7.73 -19.74 -12.08
CA GLU B 77 -7.74 -20.15 -13.48
C GLU B 77 -6.33 -20.09 -14.07
N TYR B 78 -5.69 -18.92 -14.02
CA TYR B 78 -4.34 -18.80 -14.52
C TYR B 78 -3.32 -19.49 -13.62
N GLN B 79 -3.68 -19.85 -12.39
CA GLN B 79 -2.78 -20.55 -11.47
C GLN B 79 -1.48 -19.78 -11.25
N ASN B 80 -1.55 -18.44 -11.33
CA ASN B 80 -0.37 -17.58 -11.20
C ASN B 80 -0.66 -16.51 -10.17
N PRO B 81 -0.46 -16.81 -8.87
CA PRO B 81 -0.75 -15.80 -7.85
C PRO B 81 0.18 -14.59 -7.90
N VAL B 82 1.41 -14.74 -8.39
CA VAL B 82 2.32 -13.61 -8.38
C VAL B 82 1.88 -12.57 -9.41
N SER B 83 1.27 -13.00 -10.51
CA SER B 83 0.72 -12.05 -11.47
C SER B 83 -0.48 -11.31 -10.88
N ALA B 84 -1.31 -12.00 -10.09
CA ALA B 84 -2.41 -11.33 -9.42
C ALA B 84 -1.91 -10.28 -8.44
N LYS B 85 -0.87 -10.60 -7.68
CA LYS B 85 -0.27 -9.61 -6.80
C LYS B 85 0.51 -8.56 -7.57
N GLU B 86 0.98 -8.90 -8.77
CA GLU B 86 1.62 -7.91 -9.63
C GLU B 86 0.61 -7.02 -10.31
N LEU B 87 -0.61 -7.52 -10.54
CA LEU B 87 -1.70 -6.69 -11.03
C LEU B 87 -2.10 -5.64 -9.99
N GLN B 88 -2.15 -6.05 -8.72
CA GLN B 88 -2.50 -5.11 -7.66
C GLN B 88 -1.56 -3.92 -7.64
N ALA B 89 -0.29 -4.12 -7.99
CA ALA B 89 0.69 -3.05 -7.91
C ALA B 89 0.55 -2.07 -9.08
N ASP B 90 0.22 -2.58 -10.27
CA ASP B 90 0.07 -1.69 -11.42
C ASP B 90 -1.23 -0.90 -11.38
N TRP B 91 -2.29 -1.50 -10.84
CA TRP B 91 -3.62 -0.92 -10.98
C TRP B 91 -3.70 0.56 -10.61
N PRO B 92 -3.21 1.00 -9.45
CA PRO B 92 -3.40 2.41 -9.08
C PRO B 92 -2.84 3.38 -10.10
N ASP B 93 -1.70 3.04 -10.71
CA ASP B 93 -1.06 3.90 -11.69
C ASP B 93 -1.65 3.76 -13.10
N MET B 94 -2.55 2.80 -13.31
CA MET B 94 -3.12 2.60 -14.64
C MET B 94 -4.14 3.68 -14.96
N SER B 95 -4.33 3.92 -16.25
CA SER B 95 -5.38 4.81 -16.70
C SER B 95 -6.71 4.09 -16.71
N PHE B 96 -7.79 4.86 -16.89
CA PHE B 96 -9.12 4.25 -16.94
C PHE B 96 -9.26 3.38 -18.18
N ASP B 97 -8.77 3.85 -19.32
CA ASP B 97 -8.87 3.06 -20.54
C ASP B 97 -8.16 1.72 -20.40
N GLU B 98 -6.96 1.72 -19.81
CA GLU B 98 -6.28 0.45 -19.58
C GLU B 98 -7.02 -0.39 -18.56
N ARG B 99 -7.53 0.25 -17.50
CA ARG B 99 -8.30 -0.48 -16.50
C ARG B 99 -9.48 -1.20 -17.14
N ARG B 100 -10.24 -0.49 -17.99
CA ARG B 100 -11.35 -1.11 -18.69
C ARG B 100 -10.87 -2.22 -19.62
N HIS B 101 -9.84 -1.92 -20.42
CA HIS B 101 -9.34 -2.91 -21.37
C HIS B 101 -8.94 -4.19 -20.67
N VAL B 102 -8.21 -4.09 -19.55
CA VAL B 102 -7.73 -5.26 -18.84
C VAL B 102 -8.91 -6.09 -18.33
N ALA B 103 -9.87 -5.43 -17.68
CA ALA B 103 -11.01 -6.15 -17.11
C ALA B 103 -11.82 -6.85 -18.20
N MET B 104 -11.87 -6.29 -19.41
CA MET B 104 -12.69 -6.86 -20.46
C MET B 104 -12.08 -8.14 -21.04
N ASN B 105 -10.75 -8.26 -21.03
CA ASN B 105 -10.06 -9.31 -21.76
C ASN B 105 -9.28 -10.26 -20.86
N LEU B 106 -9.53 -10.22 -19.55
CA LEU B 106 -8.81 -11.07 -18.62
C LEU B 106 -9.71 -12.17 -18.06
N LYS C 1 13.91 18.93 28.75
CA LYS C 1 14.56 17.91 29.63
C LYS C 1 15.56 17.08 28.83
N VAL C 2 16.01 17.64 27.71
CA VAL C 2 16.99 16.99 26.84
C VAL C 2 18.00 18.05 26.40
N GLN C 3 19.26 17.87 26.76
CA GLN C 3 20.30 18.85 26.50
C GLN C 3 21.25 18.31 25.44
N LEU C 4 21.59 19.18 24.48
CA LEU C 4 22.55 18.87 23.41
C LEU C 4 23.70 19.86 23.53
N GLN C 5 24.82 19.41 24.07
CA GLN C 5 26.02 20.24 24.17
C GLN C 5 27.01 19.77 23.12
N GLU C 6 27.30 20.64 22.15
CA GLU C 6 28.28 20.36 21.12
C GLU C 6 29.66 20.80 21.59
N SER C 7 30.68 20.09 21.11
CA SER C 7 32.06 20.44 21.42
C SER C 7 32.87 20.45 20.14
N GLY C 8 34.19 20.57 20.25
CA GLY C 8 35.03 20.66 19.07
C GLY C 8 34.73 21.91 18.27
N GLY C 9 35.24 21.90 17.05
CA GLY C 9 35.04 23.07 16.20
C GLY C 9 36.08 24.14 16.43
N GLY C 10 36.31 24.93 15.40
CA GLY C 10 37.25 26.03 15.47
C GLY C 10 37.60 26.64 14.13
N LEU C 11 38.89 26.86 13.89
CA LEU C 11 39.38 27.52 12.68
C LEU C 11 40.44 26.62 12.06
N VAL C 12 40.17 26.16 10.84
CA VAL C 12 41.11 25.36 10.05
C VAL C 12 41.10 25.93 8.63
N GLN C 13 42.14 25.62 7.88
CA GLN C 13 42.19 26.00 6.47
C GLN C 13 42.07 24.76 5.59
N ALA C 14 41.76 25.00 4.31
CA ALA C 14 41.40 23.92 3.40
C ALA C 14 42.40 22.77 3.48
N GLY C 15 41.88 21.56 3.32
CA GLY C 15 42.67 20.35 3.44
C GLY C 15 42.76 19.78 4.84
N GLY C 16 42.34 20.51 5.86
CA GLY C 16 42.41 20.04 7.22
C GLY C 16 41.41 18.93 7.50
N SER C 17 41.33 18.56 8.78
CA SER C 17 40.45 17.48 9.22
C SER C 17 40.05 17.77 10.65
N LEU C 18 38.79 18.15 10.84
CA LEU C 18 38.23 18.42 12.15
C LEU C 18 37.15 17.39 12.48
N ARG C 19 36.88 17.24 13.78
CA ARG C 19 35.89 16.28 14.27
C ARG C 19 34.97 17.00 15.25
N LEU C 20 33.67 16.98 14.95
CA LEU C 20 32.67 17.53 15.84
C LEU C 20 31.96 16.40 16.59
N SER C 21 31.58 16.69 17.83
CA SER C 21 30.89 15.73 18.66
C SER C 21 29.76 16.45 19.40
N CYS C 22 28.68 15.71 19.62
CA CYS C 22 27.49 16.22 20.28
C CYS C 22 27.02 15.20 21.29
N ALA C 23 26.73 15.65 22.51
CA ALA C 23 26.36 14.77 23.62
C ALA C 23 24.93 15.08 24.05
N ALA C 24 24.12 14.02 24.18
CA ALA C 24 22.71 14.14 24.56
C ALA C 24 22.50 13.57 25.95
N SER C 25 21.62 14.21 26.72
CA SER C 25 21.37 13.78 28.09
C SER C 25 19.97 14.22 28.48
N GLY C 26 19.33 13.41 29.32
CA GLY C 26 18.00 13.69 29.81
C GLY C 26 16.92 12.81 29.23
N GLY C 27 17.22 12.05 28.18
CA GLY C 27 16.24 11.16 27.58
C GLY C 27 16.86 9.92 26.96
N THR C 28 16.19 9.32 25.98
CA THR C 28 16.72 8.15 25.31
C THR C 28 17.72 8.58 24.23
N PHE C 29 18.50 7.61 23.74
CA PHE C 29 19.50 7.90 22.72
C PHE C 29 19.57 6.78 21.68
N SER C 30 19.77 5.55 22.13
CA SER C 30 19.90 4.42 21.22
C SER C 30 18.73 4.32 20.25
N ILE C 31 17.55 4.79 20.67
CA ILE C 31 16.35 4.73 19.82
C ILE C 31 16.03 6.11 19.30
N ASN C 32 17.02 6.82 18.77
CA ASN C 32 16.83 8.18 18.28
C ASN C 32 17.74 8.42 17.09
N THR C 33 17.23 9.22 16.15
CA THR C 33 17.99 9.63 14.98
C THR C 33 18.66 10.97 15.28
N LEU C 34 19.98 11.01 15.15
CA LEU C 34 20.76 12.24 15.35
C LEU C 34 21.44 12.64 14.05
N GLY C 35 21.79 13.92 13.97
CA GLY C 35 22.41 14.42 12.77
C GLY C 35 23.03 15.77 12.99
N TRP C 36 23.41 16.41 11.88
CA TRP C 36 24.06 17.72 11.91
C TRP C 36 23.45 18.60 10.84
N TYR C 37 23.07 19.82 11.22
CA TYR C 37 22.67 20.86 10.30
C TYR C 37 23.64 22.02 10.44
N ARG C 38 23.88 22.73 9.33
CA ARG C 38 24.80 23.85 9.31
C ARG C 38 24.14 25.06 8.67
N ARG C 39 24.46 26.25 9.20
CA ARG C 39 23.95 27.52 8.70
C ARG C 39 25.14 28.35 8.24
N ALA C 40 25.22 28.61 6.94
CA ALA C 40 26.30 29.40 6.40
C ALA C 40 26.18 30.84 6.90
N PRO C 41 27.23 31.65 6.72
CA PRO C 41 27.16 33.03 7.22
C PRO C 41 25.89 33.78 6.86
N GLY C 42 25.50 33.76 5.58
CA GLY C 42 24.33 34.48 5.14
C GLY C 42 23.15 33.62 4.78
N LYS C 43 23.26 32.30 4.98
CA LYS C 43 22.25 31.35 4.54
C LYS C 43 21.44 30.84 5.72
N GLU C 44 20.61 29.83 5.43
CA GLU C 44 19.71 29.24 6.40
C GLU C 44 20.13 27.79 6.64
N ARG C 45 19.62 27.22 7.74
CA ARG C 45 19.96 25.86 8.13
C ARG C 45 19.93 24.92 6.92
N GLU C 46 20.95 24.06 6.85
CA GLU C 46 21.13 23.14 5.73
C GLU C 46 21.49 21.77 6.28
N PHE C 47 20.93 20.73 5.68
CA PHE C 47 21.22 19.38 6.12
C PHE C 47 22.67 19.02 5.78
N VAL C 48 23.32 18.30 6.69
CA VAL C 48 24.69 17.86 6.49
C VAL C 48 24.76 16.34 6.50
N ALA C 49 24.39 15.74 7.64
CA ALA C 49 24.51 14.29 7.79
C ALA C 49 23.53 13.80 8.84
N ARG C 50 23.03 12.58 8.63
CA ARG C 50 22.07 11.93 9.51
C ARG C 50 22.57 10.53 9.85
N ILE C 51 22.15 10.04 11.02
CA ILE C 51 22.35 8.64 11.38
C ILE C 51 21.18 8.19 12.24
N SER C 52 20.47 7.15 11.79
CA SER C 52 19.23 6.73 12.43
C SER C 52 19.51 5.83 13.63
N SER C 53 18.44 5.52 14.36
CA SER C 53 18.57 4.58 15.47
C SER C 53 19.00 3.20 14.99
N GLY C 54 18.61 2.83 13.77
CA GLY C 54 19.10 1.61 13.17
C GLY C 54 20.52 1.68 12.65
N GLY C 55 21.16 2.85 12.76
CA GLY C 55 22.54 3.01 12.35
C GLY C 55 22.71 3.12 10.85
N ILE C 56 21.93 3.99 10.22
CA ILE C 56 21.94 4.17 8.77
C ILE C 56 22.28 5.63 8.50
N THR C 57 23.39 5.86 7.82
CA THR C 57 23.90 7.21 7.59
C THR C 57 23.41 7.74 6.25
N ARG C 58 22.88 8.95 6.26
CA ARG C 58 22.55 9.69 5.04
C ARG C 58 23.32 11.00 5.03
N TYR C 59 23.86 11.35 3.87
CA TYR C 59 24.67 12.54 3.72
C TYR C 59 24.09 13.44 2.63
N ALA C 60 24.42 14.73 2.71
CA ALA C 60 24.14 15.65 1.62
C ALA C 60 25.17 15.45 0.52
N ASP C 61 24.80 15.87 -0.69
CA ASP C 61 25.68 15.66 -1.84
C ASP C 61 27.01 16.40 -1.66
N SER C 62 26.95 17.64 -1.19
CA SER C 62 28.17 18.45 -1.09
C SER C 62 29.18 17.82 -0.15
N VAL C 63 28.73 17.08 0.85
CA VAL C 63 29.60 16.55 1.89
C VAL C 63 29.83 15.05 1.76
N LYS C 64 29.22 14.40 0.77
CA LYS C 64 29.37 12.96 0.65
C LYS C 64 30.80 12.61 0.27
N GLY C 65 31.30 11.52 0.87
CA GLY C 65 32.67 11.09 0.68
C GLY C 65 33.69 11.82 1.55
N ARG C 66 33.45 13.09 1.88
CA ARG C 66 34.35 13.87 2.71
C ARG C 66 34.02 13.75 4.20
N PHE C 67 32.76 13.99 4.56
CA PHE C 67 32.32 13.91 5.95
C PHE C 67 31.88 12.49 6.28
N THR C 68 32.01 12.13 7.55
CA THR C 68 31.62 10.82 8.04
C THR C 68 30.99 10.99 9.42
N ILE C 69 29.74 10.56 9.56
CA ILE C 69 28.99 10.69 10.79
C ILE C 69 28.89 9.32 11.45
N SER C 70 29.16 9.27 12.75
CA SER C 70 29.07 8.05 13.52
C SER C 70 28.46 8.37 14.88
N ARG C 71 27.86 7.35 15.49
CA ARG C 71 27.26 7.49 16.81
C ARG C 71 27.91 6.50 17.76
N ASP C 72 27.85 6.83 19.06
CA ASP C 72 28.39 5.99 20.12
C ASP C 72 27.30 5.85 21.18
N ASN C 73 26.45 4.84 21.02
CA ASN C 73 25.50 4.51 22.06
C ASN C 73 26.24 4.02 23.29
N GLY C 74 25.73 4.36 24.47
CA GLY C 74 26.43 4.15 25.71
C GLY C 74 27.22 5.35 26.17
N LYS C 75 27.69 6.17 25.23
CA LYS C 75 28.23 7.49 25.52
C LYS C 75 27.26 8.60 25.16
N ASN C 76 26.14 8.29 24.50
CA ASN C 76 25.14 9.27 24.12
C ASN C 76 25.78 10.42 23.34
N THR C 77 26.59 10.04 22.34
CA THR C 77 27.33 11.03 21.56
C THR C 77 27.33 10.63 20.09
N VAL C 78 27.18 11.62 19.22
CA VAL C 78 27.26 11.46 17.78
C VAL C 78 28.44 12.29 17.29
N TYR C 79 29.27 11.69 16.44
CA TYR C 79 30.50 12.31 15.95
C TYR C 79 30.36 12.65 14.47
N LEU C 80 30.89 13.81 14.09
CA LEU C 80 30.98 14.21 12.70
C LEU C 80 32.46 14.38 12.37
N ASP C 81 32.99 13.46 11.56
CA ASP C 81 34.40 13.49 11.15
C ASP C 81 34.47 14.19 9.79
N MET C 82 34.89 15.45 9.80
CA MET C 82 35.03 16.22 8.57
C MET C 82 36.46 16.10 8.03
N ASN C 83 36.57 15.77 6.75
CA ASN C 83 37.87 15.53 6.12
C ASN C 83 37.93 16.28 4.80
N SER C 84 39.13 16.74 4.46
CA SER C 84 39.36 17.51 3.23
C SER C 84 38.40 18.70 3.16
N LEU C 85 38.38 19.48 4.24
CA LEU C 85 37.48 20.62 4.33
C LEU C 85 37.79 21.64 3.24
N LYS C 86 36.80 22.48 2.96
CA LYS C 86 36.90 23.50 1.93
C LYS C 86 36.22 24.77 2.41
N PRO C 87 36.61 25.94 1.89
CA PRO C 87 35.98 27.19 2.32
C PRO C 87 34.47 27.15 2.32
N GLU C 88 33.86 26.33 1.45
CA GLU C 88 32.41 26.28 1.37
C GLU C 88 31.79 25.61 2.59
N ASP C 89 32.57 24.85 3.35
CA ASP C 89 32.09 24.22 4.57
C ASP C 89 32.00 25.19 5.74
N THR C 90 32.41 26.44 5.57
CA THR C 90 32.32 27.43 6.63
C THR C 90 30.86 27.66 7.00
N ALA C 91 30.51 27.38 8.26
CA ALA C 91 29.15 27.55 8.72
C ALA C 91 29.10 27.21 10.20
N VAL C 92 28.03 27.65 10.86
CA VAL C 92 27.73 27.25 12.22
C VAL C 92 27.08 25.87 12.16
N TYR C 93 27.69 24.89 12.83
CA TYR C 93 27.23 23.51 12.78
C TYR C 93 26.39 23.21 14.03
N TYR C 94 25.14 22.82 13.80
CA TYR C 94 24.20 22.54 14.88
C TYR C 94 23.95 21.04 14.97
N CYS C 95 23.86 20.55 16.20
CA CYS C 95 23.50 19.18 16.46
C CYS C 95 21.98 19.00 16.37
N MET C 96 21.56 17.78 16.08
CA MET C 96 20.15 17.46 15.91
C MET C 96 19.83 16.20 16.69
N TYR C 97 18.67 16.20 17.35
CA TYR C 97 18.16 15.06 18.11
C TYR C 97 16.70 14.91 17.72
N ARG C 98 16.42 13.94 16.86
CA ARG C 98 15.08 13.76 16.28
C ARG C 98 14.38 12.62 17.02
N ASN C 99 13.48 12.98 17.94
CA ASN C 99 12.70 12.03 18.71
C ASN C 99 11.24 12.11 18.32
N TRP C 100 10.63 10.94 18.10
CA TRP C 100 9.20 10.88 17.78
C TRP C 100 8.38 10.75 19.05
N GLY C 101 7.92 9.54 19.36
CA GLY C 101 7.14 9.32 20.58
C GLY C 101 5.96 10.26 20.70
N GLY C 102 6.16 11.41 21.34
CA GLY C 102 5.05 12.32 21.60
C GLY C 102 4.41 12.84 20.33
N GLY C 103 5.15 12.87 19.23
CA GLY C 103 4.63 13.40 17.98
C GLY C 103 5.67 14.21 17.22
N LEU C 104 6.92 13.75 17.28
CA LEU C 104 8.04 14.38 16.60
C LEU C 104 8.43 15.70 17.24
N ASP C 105 9.40 15.65 18.15
CA ASP C 105 10.13 16.83 18.59
C ASP C 105 11.52 16.79 17.97
N VAL C 106 12.03 17.97 17.65
CA VAL C 106 13.36 18.11 17.06
C VAL C 106 14.13 19.10 17.92
N TYR C 107 15.28 18.67 18.44
CA TYR C 107 16.10 19.47 19.33
C TYR C 107 17.38 19.86 18.63
N TRP C 108 17.81 21.10 18.84
CA TRP C 108 19.02 21.62 18.24
C TRP C 108 20.04 21.95 19.33
N GLY C 109 21.30 22.05 18.92
CA GLY C 109 22.33 22.61 19.76
C GLY C 109 22.48 24.10 19.54
N GLN C 110 23.22 24.75 20.44
CA GLN C 110 23.42 26.19 20.31
C GLN C 110 24.35 26.54 19.16
N GLY C 111 25.12 25.59 18.67
CA GLY C 111 25.93 25.78 17.49
C GLY C 111 27.42 25.76 17.80
N THR C 112 28.20 25.47 16.77
CA THR C 112 29.65 25.48 16.86
C THR C 112 30.18 26.11 15.58
N GLN C 113 31.04 27.12 15.73
CA GLN C 113 31.59 27.82 14.57
C GLN C 113 32.68 27.00 13.90
N VAL C 114 32.64 26.98 12.57
CA VAL C 114 33.67 26.33 11.75
C VAL C 114 33.96 27.25 10.58
N THR C 115 35.22 27.66 10.42
CA THR C 115 35.63 28.55 9.36
C THR C 115 36.81 27.94 8.62
N VAL C 116 36.68 27.83 7.30
CA VAL C 116 37.72 27.29 6.45
C VAL C 116 38.21 28.40 5.52
N SER C 117 39.51 28.65 5.52
CA SER C 117 40.12 29.75 4.78
C SER C 117 41.07 29.20 3.73
N SER C 118 41.80 30.10 3.07
CA SER C 118 42.75 29.73 2.02
C SER C 118 42.05 28.98 0.89
N TRP D 43 1.62 -14.49 19.20
CA TRP D 43 2.21 -14.00 17.95
C TRP D 43 1.54 -14.62 16.73
N PRO D 44 0.86 -13.81 15.90
CA PRO D 44 0.68 -12.35 15.96
C PRO D 44 -0.52 -11.94 16.81
N GLN D 45 -0.29 -11.11 17.81
CA GLN D 45 -1.35 -10.59 18.67
C GLN D 45 -1.65 -9.15 18.28
N ARG D 46 -2.90 -8.89 17.89
CA ARG D 46 -3.32 -7.53 17.58
C ARG D 46 -3.17 -6.65 18.82
N VAL D 47 -2.55 -5.49 18.64
CA VAL D 47 -2.16 -4.62 19.73
C VAL D 47 -3.05 -3.38 19.72
N VAL D 48 -3.50 -2.97 20.91
CA VAL D 48 -4.19 -1.72 21.12
C VAL D 48 -3.32 -0.91 22.08
N THR D 49 -2.63 0.10 21.54
CA THR D 49 -1.80 0.93 22.39
C THR D 49 -2.65 1.95 23.15
N LYS D 50 -2.07 2.47 24.24
CA LYS D 50 -2.82 3.34 25.15
C LYS D 50 -3.50 4.49 24.41
N LYS D 51 -2.81 5.08 23.46
CA LYS D 51 -3.40 6.19 22.72
C LYS D 51 -4.48 5.75 21.74
N GLY D 52 -4.84 4.47 21.71
CA GLY D 52 -5.95 4.01 20.90
C GLY D 52 -5.61 3.75 19.44
N ARG D 53 -4.40 3.27 19.16
CA ARG D 53 -4.02 2.82 17.84
C ARG D 53 -3.97 1.31 17.81
N THR D 54 -4.12 0.76 16.60
CA THR D 54 -4.17 -0.68 16.42
C THR D 54 -3.17 -1.10 15.35
N PHE D 55 -2.45 -2.19 15.62
CA PHE D 55 -1.57 -2.79 14.65
C PHE D 55 -1.31 -4.22 15.09
N LEU D 56 -0.68 -4.99 14.21
CA LEU D 56 -0.46 -6.42 14.43
C LEU D 56 1.01 -6.61 14.81
N TYR D 57 1.25 -6.97 16.06
CA TYR D 57 2.62 -7.16 16.55
C TYR D 57 3.05 -8.60 16.33
N PRO D 58 4.31 -8.81 15.89
CA PRO D 58 5.32 -7.82 15.52
C PRO D 58 5.29 -7.49 14.02
N ASN D 59 4.45 -8.21 13.27
CA ASN D 59 4.54 -8.20 11.81
C ASN D 59 4.38 -6.80 11.23
N ASP D 60 3.45 -6.02 11.77
CA ASP D 60 3.24 -4.67 11.26
C ASP D 60 4.44 -3.75 11.51
N LEU D 61 5.34 -4.14 12.42
CA LEU D 61 6.58 -3.40 12.64
C LEU D 61 7.74 -3.94 11.80
N LEU D 62 7.56 -5.06 11.11
CA LEU D 62 8.61 -5.66 10.29
C LEU D 62 8.47 -5.31 8.82
N GLN D 63 7.95 -4.13 8.51
CA GLN D 63 7.65 -3.75 7.13
C GLN D 63 8.33 -2.42 6.81
N THR D 64 8.50 -2.18 5.51
CA THR D 64 9.06 -0.90 5.06
C THR D 64 8.15 0.26 5.41
N ASN D 65 6.81 0.03 5.44
CA ASN D 65 5.85 1.09 5.73
C ASN D 65 5.43 1.04 7.18
N PRO D 66 5.21 2.19 7.81
CA PRO D 66 4.74 2.20 9.19
C PRO D 66 3.30 1.77 9.28
N PRO D 67 2.84 1.33 10.45
CA PRO D 67 1.42 0.99 10.60
C PRO D 67 0.53 2.14 10.18
N GLU D 68 -0.48 1.83 9.38
CA GLU D 68 -1.39 2.87 8.89
C GLU D 68 -2.03 3.63 10.04
N SER D 69 -2.25 2.97 11.18
CA SER D 69 -2.85 3.66 12.33
C SER D 69 -2.06 4.90 12.68
N LEU D 70 -0.73 4.83 12.62
CA LEU D 70 0.10 5.95 13.00
C LEU D 70 0.03 7.06 11.97
N ILE D 71 0.07 6.71 10.69
CA ILE D 71 0.02 7.71 9.63
C ILE D 71 -1.27 8.52 9.74
N THR D 72 -2.40 7.82 9.90
CA THR D 72 -3.67 8.51 10.10
C THR D 72 -3.60 9.44 11.31
N ALA D 73 -3.08 8.94 12.43
CA ALA D 73 -3.00 9.75 13.64
C ALA D 73 -2.23 11.04 13.40
N LEU D 74 -1.12 10.96 12.65
CA LEU D 74 -0.33 12.15 12.40
C LEU D 74 -1.07 13.14 11.50
N VAL D 75 -1.82 12.63 10.52
CA VAL D 75 -2.53 13.50 9.59
C VAL D 75 -3.74 14.13 10.24
N GLU D 76 -4.61 13.32 10.84
CA GLU D 76 -5.91 13.79 11.29
C GLU D 76 -5.89 14.32 12.72
N GLU D 77 -5.36 13.54 13.68
CA GLU D 77 -5.35 13.99 15.06
C GLU D 77 -4.31 15.08 15.29
N TYR D 78 -3.08 14.84 14.83
CA TYR D 78 -2.00 15.80 15.03
C TYR D 78 -2.01 16.96 14.04
N GLN D 79 -2.92 16.95 13.06
CA GLN D 79 -3.04 18.05 12.09
C GLN D 79 -1.72 18.32 11.37
N ASN D 80 -0.82 17.34 11.33
CA ASN D 80 0.54 17.53 10.82
C ASN D 80 0.81 16.55 9.69
N PRO D 81 0.35 16.86 8.47
CA PRO D 81 0.62 15.92 7.36
C PRO D 81 2.09 15.82 7.02
N VAL D 82 2.87 16.86 7.30
CA VAL D 82 4.28 16.84 6.95
C VAL D 82 5.01 15.83 7.83
N SER D 83 4.59 15.68 9.08
CA SER D 83 5.16 14.65 9.93
C SER D 83 4.87 13.26 9.38
N ALA D 84 3.70 13.08 8.78
CA ALA D 84 3.30 11.76 8.28
C ALA D 84 4.22 11.31 7.15
N LYS D 85 4.61 12.24 6.27
CA LYS D 85 5.42 11.86 5.11
C LYS D 85 6.88 11.65 5.46
N GLU D 86 7.38 12.31 6.50
CA GLU D 86 8.76 12.08 6.93
C GLU D 86 8.87 10.91 7.90
N LEU D 87 7.80 10.56 8.60
CA LEU D 87 7.76 9.28 9.32
C LEU D 87 7.91 8.12 8.34
N GLN D 88 7.24 8.19 7.19
CA GLN D 88 7.41 7.17 6.16
C GLN D 88 8.87 7.06 5.73
N ALA D 89 9.57 8.20 5.66
CA ALA D 89 10.96 8.20 5.20
C ALA D 89 11.91 7.71 6.28
N ASP D 90 11.62 8.02 7.55
CA ASP D 90 12.47 7.56 8.64
C ASP D 90 12.29 6.07 8.90
N TRP D 91 11.08 5.56 8.71
CA TRP D 91 10.75 4.21 9.16
C TRP D 91 11.73 3.14 8.70
N PRO D 92 12.06 3.03 7.40
CA PRO D 92 12.95 1.93 6.99
C PRO D 92 14.28 1.94 7.69
N ASP D 93 14.87 3.12 7.93
CA ASP D 93 16.16 3.23 8.59
C ASP D 93 16.07 3.11 10.11
N MET D 94 14.87 3.05 10.66
CA MET D 94 14.73 2.93 12.10
C MET D 94 15.04 1.50 12.55
N SER D 95 15.41 1.37 13.82
CA SER D 95 15.59 0.07 14.43
C SER D 95 14.24 -0.48 14.86
N PHE D 96 14.23 -1.76 15.22
CA PHE D 96 12.99 -2.36 15.71
C PHE D 96 12.56 -1.73 17.03
N ASP D 97 13.52 -1.46 17.92
CA ASP D 97 13.18 -0.89 19.22
C ASP D 97 12.51 0.47 19.06
N GLU D 98 13.06 1.34 18.20
CA GLU D 98 12.41 2.63 17.98
C GLU D 98 11.07 2.44 17.28
N ARG D 99 10.98 1.49 16.35
CA ARG D 99 9.71 1.20 15.68
C ARG D 99 8.64 0.83 16.71
N ARG D 100 8.97 -0.04 17.66
CA ARG D 100 8.03 -0.41 18.70
C ARG D 100 7.71 0.80 19.58
N HIS D 101 8.75 1.50 20.04
CA HIS D 101 8.54 2.61 20.96
C HIS D 101 7.58 3.64 20.37
N VAL D 102 7.82 4.04 19.12
CA VAL D 102 6.96 5.06 18.51
C VAL D 102 5.54 4.54 18.36
N ALA D 103 5.38 3.27 17.96
CA ALA D 103 4.05 2.70 17.79
C ALA D 103 3.30 2.62 19.12
N MET D 104 4.03 2.45 20.23
CA MET D 104 3.38 2.36 21.53
C MET D 104 2.93 3.72 22.06
N ASN D 105 3.58 4.81 21.65
CA ASN D 105 3.37 6.12 22.28
C ASN D 105 2.96 7.20 21.27
N LEU D 106 2.52 6.81 20.08
CA LEU D 106 2.09 7.79 19.09
C LEU D 106 0.57 7.74 18.89
N LYS E 1 11.64 -36.39 2.03
CA LYS E 1 12.11 -36.48 3.44
C LYS E 1 11.29 -35.55 4.33
N VAL E 2 10.11 -35.18 3.85
CA VAL E 2 9.15 -34.37 4.60
C VAL E 2 7.76 -34.93 4.32
N GLN E 3 7.10 -35.41 5.36
CA GLN E 3 5.83 -36.12 5.22
C GLN E 3 4.69 -35.28 5.77
N LEU E 4 3.57 -35.28 5.04
CA LEU E 4 2.36 -34.56 5.42
C LEU E 4 1.22 -35.58 5.55
N GLN E 5 0.88 -35.92 6.79
CA GLN E 5 -0.22 -36.85 7.07
C GLN E 5 -1.46 -36.02 7.40
N GLU E 6 -2.47 -36.12 6.55
CA GLU E 6 -3.73 -35.41 6.76
C GLU E 6 -4.73 -36.29 7.49
N SER E 7 -5.53 -35.66 8.34
CA SER E 7 -6.54 -36.38 9.12
C SER E 7 -7.90 -35.71 8.98
N GLY E 8 -8.88 -36.18 9.75
CA GLY E 8 -10.21 -35.62 9.67
C GLY E 8 -10.83 -35.86 8.29
N GLY E 9 -11.89 -35.10 8.03
CA GLY E 9 -12.56 -35.21 6.75
C GLY E 9 -13.54 -36.36 6.73
N GLY E 10 -14.57 -36.25 5.88
CA GLY E 10 -15.55 -37.31 5.75
C GLY E 10 -16.80 -36.87 5.04
N LEU E 11 -17.95 -37.23 5.60
CA LEU E 11 -19.25 -36.97 4.99
C LEU E 11 -20.13 -36.25 6.00
N VAL E 12 -20.54 -35.02 5.66
CA VAL E 12 -21.37 -34.19 6.51
C VAL E 12 -22.49 -33.60 5.67
N GLN E 13 -23.55 -33.17 6.35
CA GLN E 13 -24.69 -32.55 5.70
C GLN E 13 -24.52 -31.04 5.68
N ALA E 14 -25.21 -30.41 4.73
CA ALA E 14 -25.09 -28.96 4.55
C ALA E 14 -25.34 -28.24 5.86
N GLY E 15 -24.55 -27.19 6.11
CA GLY E 15 -24.59 -26.47 7.36
C GLY E 15 -23.69 -27.05 8.44
N GLY E 16 -23.06 -28.20 8.21
CA GLY E 16 -22.27 -28.85 9.22
C GLY E 16 -21.01 -28.08 9.55
N SER E 17 -20.12 -28.78 10.27
CA SER E 17 -18.86 -28.20 10.72
C SER E 17 -17.85 -29.33 10.84
N LEU E 18 -16.88 -29.36 9.92
CA LEU E 18 -15.86 -30.38 9.88
C LEU E 18 -14.49 -29.73 10.06
N ARG E 19 -13.51 -30.54 10.47
CA ARG E 19 -12.18 -30.06 10.80
C ARG E 19 -11.14 -30.96 10.16
N LEU E 20 -10.23 -30.35 9.40
CA LEU E 20 -9.10 -31.04 8.79
C LEU E 20 -7.81 -30.67 9.52
N SER E 21 -6.93 -31.65 9.66
CA SER E 21 -5.64 -31.42 10.30
C SER E 21 -4.55 -32.08 9.47
N CYS E 22 -3.37 -31.47 9.49
CA CYS E 22 -2.23 -31.92 8.70
C CYS E 22 -0.97 -31.84 9.54
N ALA E 23 -0.21 -32.93 9.57
CA ALA E 23 0.96 -33.06 10.42
C ALA E 23 2.21 -33.14 9.57
N ALA E 24 3.22 -32.36 9.94
CA ALA E 24 4.47 -32.28 9.19
C ALA E 24 5.61 -32.88 10.01
N SER E 25 6.53 -33.54 9.32
CA SER E 25 7.68 -34.18 9.97
C SER E 25 8.79 -34.34 8.95
N GLY E 26 10.03 -34.26 9.44
CA GLY E 26 11.20 -34.40 8.61
C GLY E 26 11.97 -33.12 8.41
N GLY E 27 11.39 -31.97 8.77
CA GLY E 27 12.09 -30.71 8.66
C GLY E 27 11.60 -29.69 9.67
N THR E 28 11.75 -28.40 9.37
CA THR E 28 11.26 -27.36 10.26
C THR E 28 9.76 -27.15 10.05
N PHE E 29 9.15 -26.44 10.98
CA PHE E 29 7.72 -26.14 10.91
C PHE E 29 7.45 -24.70 11.30
N SER E 30 8.04 -24.27 12.42
CA SER E 30 7.82 -22.92 12.92
C SER E 30 8.13 -21.86 11.85
N ILE E 31 9.08 -22.15 10.96
CA ILE E 31 9.52 -21.20 9.94
C ILE E 31 9.06 -21.63 8.56
N ASN E 32 7.79 -22.02 8.44
CA ASN E 32 7.26 -22.49 7.16
C ASN E 32 5.80 -22.08 7.03
N THR E 33 5.40 -21.82 5.79
CA THR E 33 4.02 -21.52 5.46
C THR E 33 3.32 -22.81 5.06
N LEU E 34 2.15 -23.06 5.64
CA LEU E 34 1.32 -24.20 5.31
C LEU E 34 -0.06 -23.73 4.89
N GLY E 35 -0.74 -24.55 4.11
CA GLY E 35 -2.07 -24.19 3.64
C GLY E 35 -2.78 -25.39 3.06
N TRP E 36 -3.90 -25.11 2.40
CA TRP E 36 -4.78 -26.13 1.86
C TRP E 36 -5.22 -25.77 0.45
N TYR E 37 -5.10 -26.74 -0.45
CA TYR E 37 -5.69 -26.67 -1.78
C TYR E 37 -6.74 -27.76 -1.92
N ARG E 38 -7.78 -27.48 -2.72
CA ARG E 38 -8.86 -28.42 -2.96
C ARG E 38 -9.13 -28.51 -4.45
N ARG E 39 -9.49 -29.71 -4.91
CA ARG E 39 -9.82 -29.96 -6.31
C ARG E 39 -11.25 -30.50 -6.37
N ALA E 40 -12.11 -29.77 -7.07
CA ALA E 40 -13.50 -30.16 -7.23
C ALA E 40 -13.57 -31.47 -8.03
N PRO E 41 -14.74 -32.10 -8.06
CA PRO E 41 -14.87 -33.34 -8.85
C PRO E 41 -14.36 -33.21 -10.28
N GLY E 42 -14.79 -32.19 -11.01
CA GLY E 42 -14.46 -32.05 -12.40
C GLY E 42 -13.50 -30.91 -12.73
N LYS E 43 -13.07 -30.18 -11.70
CA LYS E 43 -12.18 -29.05 -11.89
C LYS E 43 -10.74 -29.44 -11.52
N GLU E 44 -9.88 -28.44 -11.38
CA GLU E 44 -8.49 -28.61 -11.01
C GLU E 44 -8.23 -27.92 -9.67
N ARG E 45 -7.08 -28.24 -9.09
CA ARG E 45 -6.68 -27.70 -7.80
C ARG E 45 -7.05 -26.22 -7.67
N GLU E 46 -7.63 -25.88 -6.52
CA GLU E 46 -8.07 -24.53 -6.22
C GLU E 46 -7.55 -24.12 -4.85
N PHE E 47 -7.04 -22.90 -4.76
CA PHE E 47 -6.53 -22.40 -3.48
C PHE E 47 -7.68 -22.21 -2.51
N VAL E 48 -7.45 -22.58 -1.25
CA VAL E 48 -8.45 -22.43 -0.19
C VAL E 48 -7.94 -21.45 0.87
N ALA E 49 -6.87 -21.82 1.57
CA ALA E 49 -6.36 -21.03 2.67
C ALA E 49 -4.88 -21.30 2.87
N ARG E 50 -4.15 -20.27 3.31
CA ARG E 50 -2.75 -20.38 3.67
C ARG E 50 -2.55 -19.74 5.05
N ILE E 51 -1.42 -20.07 5.67
CA ILE E 51 -0.99 -19.42 6.91
C ILE E 51 0.53 -19.42 6.94
N SER E 52 1.11 -18.23 7.05
CA SER E 52 2.56 -18.07 6.94
C SER E 52 3.23 -18.35 8.27
N SER E 53 4.56 -18.28 8.28
CA SER E 53 5.31 -18.44 9.52
C SER E 53 5.02 -17.29 10.48
N GLY E 54 4.82 -16.09 9.93
CA GLY E 54 4.40 -14.96 10.72
C GLY E 54 2.98 -15.05 11.24
N GLY E 55 2.24 -16.10 10.86
CA GLY E 55 0.88 -16.29 11.34
C GLY E 55 -0.12 -15.37 10.66
N ILE E 56 -0.07 -15.31 9.34
CA ILE E 56 -0.94 -14.44 8.56
C ILE E 56 -1.82 -15.32 7.68
N THR E 57 -3.13 -15.26 7.91
CA THR E 57 -4.08 -16.11 7.21
C THR E 57 -4.58 -15.40 5.96
N ARG E 58 -4.55 -16.08 4.83
CA ARG E 58 -5.17 -15.63 3.60
C ARG E 58 -6.17 -16.68 3.14
N TYR E 59 -7.33 -16.22 2.66
CA TYR E 59 -8.43 -17.10 2.30
C TYR E 59 -8.91 -16.80 0.89
N ALA E 60 -9.45 -17.84 0.24
CA ALA E 60 -10.13 -17.66 -1.03
C ALA E 60 -11.49 -17.02 -0.81
N ASP E 61 -11.96 -16.29 -1.83
CA ASP E 61 -13.19 -15.53 -1.66
C ASP E 61 -14.36 -16.43 -1.30
N SER E 62 -14.48 -17.58 -1.97
CA SER E 62 -15.64 -18.45 -1.75
C SER E 62 -15.72 -18.94 -0.31
N VAL E 63 -14.57 -19.08 0.36
CA VAL E 63 -14.52 -19.68 1.69
C VAL E 63 -14.34 -18.65 2.81
N LYS E 64 -14.24 -17.37 2.48
CA LYS E 64 -14.06 -16.36 3.51
C LYS E 64 -15.22 -16.37 4.48
N GLY E 65 -14.91 -16.20 5.76
CA GLY E 65 -15.94 -16.15 6.78
C GLY E 65 -16.39 -17.50 7.25
N ARG E 66 -16.32 -18.50 6.36
CA ARG E 66 -16.74 -19.86 6.70
C ARG E 66 -15.56 -20.68 7.23
N PHE E 67 -14.50 -20.79 6.43
CA PHE E 67 -13.34 -21.58 6.82
C PHE E 67 -12.37 -20.73 7.62
N THR E 68 -11.65 -21.39 8.52
CA THR E 68 -10.66 -20.74 9.38
C THR E 68 -9.46 -21.66 9.50
N ILE E 69 -8.29 -21.16 9.11
CA ILE E 69 -7.05 -21.93 9.14
C ILE E 69 -6.19 -21.44 10.29
N SER E 70 -5.62 -22.38 11.03
CA SER E 70 -4.73 -22.09 12.14
C SER E 70 -3.61 -23.12 12.14
N ARG E 71 -2.54 -22.79 12.85
CA ARG E 71 -1.39 -23.67 12.98
C ARG E 71 -1.06 -23.86 14.44
N ASP E 72 -0.36 -24.96 14.74
CA ASP E 72 0.07 -25.29 16.10
C ASP E 72 1.55 -25.65 16.06
N ASN E 73 2.40 -24.64 16.21
CA ASN E 73 3.83 -24.90 16.32
C ASN E 73 4.13 -25.64 17.62
N GLY E 74 5.15 -26.49 17.58
CA GLY E 74 5.47 -27.38 18.67
C GLY E 74 4.83 -28.75 18.54
N LYS E 75 3.65 -28.82 17.91
CA LYS E 75 3.05 -30.09 17.51
C LYS E 75 3.07 -30.29 16.00
N ASN E 76 3.60 -29.32 15.25
CA ASN E 76 3.78 -29.43 13.81
C ASN E 76 2.48 -29.87 13.14
N THR E 77 1.43 -29.08 13.35
CA THR E 77 0.12 -29.37 12.77
C THR E 77 -0.58 -28.08 12.40
N VAL E 78 -1.23 -28.08 11.24
CA VAL E 78 -2.08 -26.99 10.77
C VAL E 78 -3.52 -27.49 10.72
N TYR E 79 -4.44 -26.68 11.23
CA TYR E 79 -5.85 -27.03 11.31
C TYR E 79 -6.66 -26.16 10.38
N LEU E 80 -7.59 -26.77 9.66
CA LEU E 80 -8.56 -26.06 8.82
C LEU E 80 -9.94 -26.30 9.43
N ASP E 81 -10.51 -25.28 10.05
CA ASP E 81 -11.82 -25.37 10.69
C ASP E 81 -12.87 -24.89 9.70
N MET E 82 -13.60 -25.83 9.11
CA MET E 82 -14.65 -25.51 8.15
C MET E 82 -15.99 -25.42 8.89
N ASN E 83 -16.74 -24.35 8.61
CA ASN E 83 -18.03 -24.13 9.24
C ASN E 83 -19.04 -23.71 8.18
N SER E 84 -20.29 -24.07 8.41
CA SER E 84 -21.38 -23.77 7.47
C SER E 84 -21.01 -24.27 6.07
N LEU E 85 -20.67 -25.55 5.98
CA LEU E 85 -20.26 -26.13 4.71
C LEU E 85 -21.40 -26.08 3.71
N LYS E 86 -21.03 -26.20 2.43
CA LYS E 86 -21.97 -26.14 1.33
C LYS E 86 -21.62 -27.22 0.32
N PRO E 87 -22.60 -27.68 -0.46
CA PRO E 87 -22.30 -28.70 -1.49
C PRO E 87 -21.09 -28.35 -2.35
N GLU E 88 -20.89 -27.06 -2.63
CA GLU E 88 -19.81 -26.66 -3.52
C GLU E 88 -18.45 -26.89 -2.89
N ASP E 89 -18.39 -27.08 -1.57
CA ASP E 89 -17.14 -27.36 -0.88
C ASP E 89 -16.70 -28.81 -1.00
N THR E 90 -17.51 -29.66 -1.62
CA THR E 90 -17.12 -31.06 -1.82
C THR E 90 -15.90 -31.12 -2.71
N ALA E 91 -14.82 -31.70 -2.19
CA ALA E 91 -13.58 -31.81 -2.95
C ALA E 91 -12.57 -32.58 -2.11
N VAL E 92 -11.50 -33.01 -2.77
CA VAL E 92 -10.36 -33.61 -2.09
C VAL E 92 -9.47 -32.47 -1.60
N TYR E 93 -9.18 -32.44 -0.32
CA TYR E 93 -8.40 -31.38 0.29
C TYR E 93 -6.97 -31.86 0.52
N TYR E 94 -6.02 -31.11 -0.04
CA TYR E 94 -4.60 -31.45 0.05
C TYR E 94 -3.88 -30.45 0.95
N CYS E 95 -2.90 -30.94 1.69
CA CYS E 95 -2.08 -30.11 2.56
C CYS E 95 -0.90 -29.55 1.78
N MET E 96 -0.38 -28.40 2.24
CA MET E 96 0.70 -27.71 1.56
C MET E 96 1.78 -27.34 2.57
N TYR E 97 3.03 -27.31 2.09
CA TYR E 97 4.18 -26.98 2.92
C TYR E 97 5.20 -26.27 2.02
N ARG E 98 5.26 -24.94 2.15
CA ARG E 98 6.20 -24.13 1.38
C ARG E 98 7.47 -23.92 2.21
N ASN E 99 8.56 -24.56 1.80
CA ASN E 99 9.87 -24.35 2.40
C ASN E 99 10.81 -23.78 1.35
N TRP E 100 11.52 -22.71 1.73
CA TRP E 100 12.49 -22.09 0.82
C TRP E 100 13.84 -22.75 0.95
N GLY E 101 14.78 -22.11 1.66
CA GLY E 101 16.11 -22.66 1.82
C GLY E 101 16.75 -23.09 0.51
N GLY E 102 16.42 -24.29 0.05
CA GLY E 102 17.06 -24.81 -1.14
C GLY E 102 16.74 -24.02 -2.40
N GLY E 103 15.60 -23.34 -2.42
CA GLY E 103 15.19 -22.59 -3.59
C GLY E 103 13.71 -22.75 -3.88
N LEU E 104 12.90 -22.76 -2.82
CA LEU E 104 11.46 -22.97 -2.91
C LEU E 104 11.10 -24.38 -3.35
N ASP E 105 10.82 -25.25 -2.38
CA ASP E 105 10.14 -26.50 -2.62
C ASP E 105 8.74 -26.43 -2.03
N VAL E 106 7.79 -27.06 -2.71
CA VAL E 106 6.41 -27.11 -2.27
C VAL E 106 6.02 -28.57 -2.12
N TYR E 107 5.51 -28.94 -0.95
CA TYR E 107 5.14 -30.31 -0.65
C TYR E 107 3.63 -30.40 -0.47
N TRP E 108 3.05 -31.49 -0.97
CA TRP E 108 1.63 -31.74 -0.90
C TRP E 108 1.33 -32.94 -0.02
N GLY E 109 0.10 -32.99 0.48
CA GLY E 109 -0.40 -34.17 1.16
C GLY E 109 -1.06 -35.14 0.20
N GLN E 110 -1.30 -36.35 0.70
CA GLN E 110 -1.92 -37.38 -0.14
C GLN E 110 -3.38 -37.08 -0.42
N GLY E 111 -4.05 -36.32 0.46
CA GLY E 111 -5.42 -35.91 0.24
C GLY E 111 -6.36 -36.40 1.31
N THR E 112 -7.49 -35.72 1.46
CA THR E 112 -8.55 -36.14 2.36
C THR E 112 -9.88 -35.86 1.68
N GLN E 113 -10.78 -36.84 1.68
CA GLN E 113 -12.07 -36.68 1.02
C GLN E 113 -13.01 -35.88 1.91
N VAL E 114 -13.74 -34.95 1.29
CA VAL E 114 -14.76 -34.15 1.95
C VAL E 114 -15.96 -34.05 1.02
N THR E 115 -17.11 -34.53 1.49
CA THR E 115 -18.33 -34.51 0.72
C THR E 115 -19.43 -33.86 1.57
N VAL E 116 -20.15 -32.92 0.96
CA VAL E 116 -21.28 -32.24 1.59
C VAL E 116 -22.52 -32.52 0.77
N SER E 117 -23.58 -33.00 1.41
CA SER E 117 -24.79 -33.44 0.74
C SER E 117 -25.97 -32.61 1.22
N SER E 118 -27.17 -33.01 0.81
CA SER E 118 -28.40 -32.31 1.17
C SER E 118 -28.37 -30.86 0.68
N TRP F 43 25.49 -4.16 15.71
CA TRP F 43 24.32 -3.73 14.94
C TRP F 43 24.50 -2.28 14.50
N PRO F 44 24.41 -2.00 13.19
CA PRO F 44 24.16 -2.90 12.06
C PRO F 44 25.43 -3.59 11.56
N GLN F 45 25.45 -4.91 11.56
CA GLN F 45 26.61 -5.68 11.13
C GLN F 45 26.36 -6.21 9.73
N ARG F 46 27.20 -5.81 8.78
CA ARG F 46 27.16 -6.39 7.45
C ARG F 46 27.44 -7.88 7.53
N VAL F 47 26.64 -8.66 6.81
CA VAL F 47 26.67 -10.12 6.91
C VAL F 47 27.00 -10.70 5.55
N VAL F 48 27.90 -11.68 5.54
CA VAL F 48 28.23 -12.45 4.35
C VAL F 48 27.85 -13.90 4.63
N THR F 49 26.85 -14.39 3.92
CA THR F 49 26.41 -15.76 4.12
C THR F 49 27.35 -16.74 3.40
N LYS F 50 27.37 -17.96 3.91
CA LYS F 50 28.22 -19.03 3.38
C LYS F 50 28.20 -19.08 1.86
N LYS F 51 27.02 -18.96 1.26
CA LYS F 51 26.90 -19.02 -0.20
C LYS F 51 27.26 -17.71 -0.88
N GLY F 52 27.83 -16.75 -0.15
CA GLY F 52 28.33 -15.54 -0.78
C GLY F 52 27.27 -14.48 -1.05
N ARG F 53 26.28 -14.36 -0.18
CA ARG F 53 25.30 -13.28 -0.27
C ARG F 53 25.62 -12.23 0.79
N THR F 54 25.21 -10.99 0.50
CA THR F 54 25.48 -9.87 1.38
C THR F 54 24.18 -9.16 1.73
N PHE F 55 24.05 -8.78 2.99
CA PHE F 55 22.93 -7.97 3.45
C PHE F 55 23.30 -7.39 4.80
N LEU F 56 22.58 -6.36 5.21
CA LEU F 56 22.87 -5.62 6.43
C LEU F 56 21.94 -6.13 7.52
N TYR F 57 22.50 -6.83 8.50
CA TYR F 57 21.72 -7.38 9.60
C TYR F 57 21.60 -6.38 10.73
N PRO F 58 20.39 -6.23 11.32
CA PRO F 58 19.12 -6.87 10.98
C PRO F 58 18.30 -6.04 9.99
N ASN F 59 18.81 -4.85 9.66
CA ASN F 59 18.00 -3.85 8.97
C ASN F 59 17.43 -4.38 7.65
N ASP F 60 18.24 -5.10 6.88
CA ASP F 60 17.76 -5.63 5.60
C ASP F 60 16.69 -6.70 5.77
N LEU F 61 16.50 -7.22 6.98
CA LEU F 61 15.43 -8.18 7.24
C LEU F 61 14.18 -7.51 7.81
N LEU F 62 14.24 -6.23 8.16
CA LEU F 62 13.10 -5.50 8.71
C LEU F 62 12.38 -4.67 7.65
N GLN F 63 12.31 -5.16 6.42
CA GLN F 63 11.73 -4.41 5.32
C GLN F 63 10.69 -5.25 4.59
N THR F 64 9.77 -4.55 3.92
CA THR F 64 8.77 -5.24 3.09
C THR F 64 9.44 -6.06 2.01
N ASN F 65 10.62 -5.62 1.51
CA ASN F 65 11.29 -6.29 0.42
C ASN F 65 12.47 -7.10 0.93
N PRO F 66 12.72 -8.29 0.36
CA PRO F 66 13.86 -9.08 0.81
C PRO F 66 15.16 -8.43 0.41
N PRO F 67 16.28 -8.81 1.03
CA PRO F 67 17.58 -8.29 0.60
C PRO F 67 17.79 -8.56 -0.89
N GLU F 68 18.28 -7.53 -1.60
CA GLU F 68 18.47 -7.66 -3.04
C GLU F 68 19.42 -8.78 -3.41
N SER F 69 20.31 -9.19 -2.50
CA SER F 69 21.20 -10.31 -2.79
C SER F 69 20.41 -11.59 -3.05
N LEU F 70 19.31 -11.79 -2.31
CA LEU F 70 18.51 -13.00 -2.49
C LEU F 70 17.77 -12.99 -3.81
N ILE F 71 17.19 -11.84 -4.18
CA ILE F 71 16.49 -11.75 -5.46
C ILE F 71 17.43 -12.09 -6.61
N THR F 72 18.62 -11.48 -6.61
CA THR F 72 19.59 -11.77 -7.66
C THR F 72 19.90 -13.26 -7.71
N ALA F 73 20.19 -13.86 -6.55
CA ALA F 73 20.53 -15.28 -6.52
C ALA F 73 19.46 -16.12 -7.19
N LEU F 74 18.18 -15.85 -6.88
CA LEU F 74 17.11 -16.62 -7.49
C LEU F 74 17.03 -16.38 -8.99
N VAL F 75 17.26 -15.14 -9.42
CA VAL F 75 17.18 -14.82 -10.84
C VAL F 75 18.38 -15.38 -11.59
N GLU F 76 19.58 -15.10 -11.08
CA GLU F 76 20.81 -15.40 -11.81
C GLU F 76 21.26 -16.84 -11.60
N GLU F 77 21.52 -17.23 -10.36
CA GLU F 77 22.02 -18.58 -10.10
C GLU F 77 20.94 -19.62 -10.35
N TYR F 78 19.79 -19.47 -9.71
CA TYR F 78 18.71 -20.45 -9.86
C TYR F 78 18.02 -20.36 -11.21
N GLN F 79 18.24 -19.28 -11.98
CA GLN F 79 17.62 -19.12 -13.29
C GLN F 79 16.09 -19.21 -13.20
N ASN F 80 15.53 -18.82 -12.06
CA ASN F 80 14.10 -18.97 -11.77
C ASN F 80 13.53 -17.60 -11.40
N PRO F 81 13.16 -16.77 -12.38
CA PRO F 81 12.65 -15.44 -12.03
C PRO F 81 11.30 -15.46 -11.36
N VAL F 82 10.42 -16.42 -11.67
CA VAL F 82 9.11 -16.43 -11.04
C VAL F 82 9.24 -16.72 -9.55
N SER F 83 10.31 -17.41 -9.15
CA SER F 83 10.56 -17.64 -7.73
C SER F 83 10.95 -16.34 -7.03
N ALA F 84 11.69 -15.47 -7.72
CA ALA F 84 12.13 -14.23 -7.11
C ALA F 84 10.95 -13.35 -6.72
N LYS F 85 9.95 -13.26 -7.60
CA LYS F 85 8.79 -12.42 -7.30
C LYS F 85 7.76 -13.16 -6.44
N GLU F 86 7.85 -14.47 -6.34
CA GLU F 86 7.08 -15.20 -5.32
C GLU F 86 7.73 -15.06 -3.95
N LEU F 87 9.06 -14.93 -3.91
CA LEU F 87 9.74 -14.55 -2.68
C LEU F 87 9.33 -13.14 -2.25
N GLN F 88 9.27 -12.21 -3.21
CA GLN F 88 8.85 -10.85 -2.90
C GLN F 88 7.45 -10.82 -2.31
N ALA F 89 6.58 -11.75 -2.72
CA ALA F 89 5.21 -11.75 -2.25
C ALA F 89 5.09 -12.41 -0.88
N ASP F 90 5.84 -13.49 -0.63
CA ASP F 90 5.77 -14.15 0.67
C ASP F 90 6.44 -13.30 1.75
N TRP F 91 7.47 -12.54 1.39
CA TRP F 91 8.34 -11.90 2.39
C TRP F 91 7.57 -11.07 3.42
N PRO F 92 6.63 -10.19 3.04
CA PRO F 92 5.95 -9.39 4.07
C PRO F 92 5.26 -10.22 5.12
N ASP F 93 4.66 -11.35 4.74
CA ASP F 93 3.94 -12.20 5.68
C ASP F 93 4.87 -13.17 6.42
N MET F 94 6.15 -13.22 6.08
CA MET F 94 7.08 -14.11 6.74
C MET F 94 7.46 -13.58 8.12
N SER F 95 7.73 -14.50 9.04
CA SER F 95 8.24 -14.13 10.35
C SER F 95 9.71 -13.76 10.25
N PHE F 96 10.23 -13.14 11.30
CA PHE F 96 11.63 -12.76 11.31
C PHE F 96 12.52 -13.98 11.23
N ASP F 97 12.16 -15.05 11.96
CA ASP F 97 13.00 -16.24 11.98
C ASP F 97 13.09 -16.85 10.59
N GLU F 98 11.97 -16.96 9.88
CA GLU F 98 12.02 -17.49 8.52
C GLU F 98 12.79 -16.55 7.60
N ARG F 99 12.65 -15.25 7.81
CA ARG F 99 13.41 -14.28 7.02
C ARG F 99 14.91 -14.50 7.19
N ARG F 100 15.36 -14.65 8.43
CA ARG F 100 16.78 -14.89 8.66
C ARG F 100 17.21 -16.24 8.07
N HIS F 101 16.48 -17.30 8.40
CA HIS F 101 16.83 -18.63 7.88
C HIS F 101 16.97 -18.61 6.37
N VAL F 102 15.97 -18.08 5.67
CA VAL F 102 16.01 -18.02 4.21
C VAL F 102 17.23 -17.26 3.74
N ALA F 103 17.47 -16.08 4.32
CA ALA F 103 18.60 -15.26 3.89
C ALA F 103 19.93 -15.97 4.13
N MET F 104 20.02 -16.75 5.21
CA MET F 104 21.28 -17.42 5.52
C MET F 104 21.55 -18.60 4.58
N ASN F 105 20.50 -19.27 4.10
CA ASN F 105 20.63 -20.54 3.41
C ASN F 105 20.08 -20.50 1.98
N LEU F 106 20.09 -19.33 1.35
CA LEU F 106 19.65 -19.22 -0.03
C LEU F 106 20.81 -18.80 -0.94
N LYS G 1 -32.32 26.90 0.67
CA LYS G 1 -32.67 26.88 -0.78
C LYS G 1 -32.49 25.49 -1.38
N VAL G 2 -32.64 24.48 -0.53
CA VAL G 2 -32.62 23.07 -0.93
C VAL G 2 -33.69 22.35 -0.14
N GLN G 3 -34.73 21.87 -0.83
CA GLN G 3 -35.94 21.36 -0.18
C GLN G 3 -36.02 19.84 -0.32
N LEU G 4 -36.41 19.18 0.78
CA LEU G 4 -36.61 17.74 0.82
C LEU G 4 -38.06 17.49 1.23
N GLN G 5 -38.91 17.17 0.26
CA GLN G 5 -40.32 16.89 0.52
C GLN G 5 -40.51 15.38 0.57
N GLU G 6 -40.86 14.87 1.75
CA GLU G 6 -41.09 13.45 1.94
C GLU G 6 -42.55 13.10 1.65
N SER G 7 -42.75 11.87 1.20
CA SER G 7 -44.08 11.36 0.90
C SER G 7 -44.24 9.97 1.50
N GLY G 8 -45.40 9.36 1.26
CA GLY G 8 -45.65 8.04 1.79
C GLY G 8 -45.76 8.01 3.30
N GLY G 9 -45.64 6.80 3.84
CA GLY G 9 -45.70 6.60 5.27
C GLY G 9 -47.13 6.55 5.78
N GLY G 10 -47.34 5.86 6.90
CA GLY G 10 -48.66 5.78 7.51
C GLY G 10 -48.75 4.71 8.58
N LEU G 11 -49.82 3.91 8.52
CA LEU G 11 -50.09 2.88 9.52
C LEU G 11 -50.33 1.56 8.80
N VAL G 12 -49.47 0.58 9.07
CA VAL G 12 -49.55 -0.74 8.46
C VAL G 12 -49.35 -1.78 9.54
N GLN G 13 -49.79 -3.00 9.27
CA GLN G 13 -49.63 -4.12 10.19
C GLN G 13 -48.46 -4.99 9.76
N ALA G 14 -47.95 -5.76 10.73
CA ALA G 14 -46.75 -6.57 10.50
C ALA G 14 -46.92 -7.46 9.28
N GLY G 15 -45.82 -7.69 8.57
CA GLY G 15 -45.83 -8.40 7.31
C GLY G 15 -46.20 -7.58 6.11
N GLY G 16 -46.54 -6.30 6.29
CA GLY G 16 -46.95 -5.46 5.20
C GLY G 16 -45.77 -5.02 4.35
N SER G 17 -46.04 -4.03 3.50
CA SER G 17 -45.03 -3.53 2.56
C SER G 17 -45.40 -2.08 2.23
N LEU G 18 -44.67 -1.14 2.82
CA LEU G 18 -44.86 0.28 2.58
C LEU G 18 -43.68 0.83 1.78
N ARG G 19 -43.92 1.96 1.13
CA ARG G 19 -42.89 2.63 0.34
C ARG G 19 -42.82 4.09 0.76
N LEU G 20 -41.60 4.57 1.01
CA LEU G 20 -41.33 5.97 1.28
C LEU G 20 -40.57 6.57 0.11
N SER G 21 -40.84 7.84 -0.18
CA SER G 21 -40.17 8.54 -1.25
C SER G 21 -39.85 9.95 -0.77
N CYS G 22 -38.72 10.47 -1.22
CA CYS G 22 -38.23 11.78 -0.84
C CYS G 22 -37.76 12.50 -2.10
N ALA G 23 -38.19 13.76 -2.26
CA ALA G 23 -37.91 14.54 -3.47
C ALA G 23 -37.05 15.74 -3.11
N ALA G 24 -35.99 15.96 -3.88
CA ALA G 24 -35.02 17.02 -3.64
C ALA G 24 -35.14 18.09 -4.71
N SER G 25 -34.99 19.34 -4.30
CA SER G 25 -35.07 20.46 -5.23
C SER G 25 -34.29 21.62 -4.65
N GLY G 26 -33.72 22.44 -5.53
CA GLY G 26 -32.94 23.59 -5.14
C GLY G 26 -31.45 23.42 -5.31
N GLY G 27 -30.97 22.21 -5.61
CA GLY G 27 -29.56 21.99 -5.82
C GLY G 27 -29.30 20.84 -6.77
N THR G 28 -28.14 20.22 -6.67
CA THR G 28 -27.83 19.06 -7.49
C THR G 28 -28.44 17.80 -6.89
N PHE G 29 -28.48 16.74 -7.69
CA PHE G 29 -29.01 15.46 -7.22
C PHE G 29 -28.14 14.31 -7.71
N SER G 30 -27.94 14.23 -9.03
CA SER G 30 -27.10 13.18 -9.59
C SER G 30 -25.72 13.13 -8.94
N ILE G 31 -25.26 14.24 -8.35
CA ILE G 31 -23.93 14.36 -7.79
C ILE G 31 -24.02 14.38 -6.26
N ASN G 32 -24.95 13.60 -5.70
CA ASN G 32 -25.21 13.67 -4.27
C ASN G 32 -25.58 12.30 -3.73
N THR G 33 -25.29 12.10 -2.46
CA THR G 33 -25.62 10.89 -1.73
C THR G 33 -26.85 11.14 -0.88
N LEU G 34 -27.88 10.32 -1.06
CA LEU G 34 -29.09 10.38 -0.26
C LEU G 34 -29.25 9.10 0.55
N GLY G 35 -30.14 9.16 1.53
CA GLY G 35 -30.38 8.02 2.39
C GLY G 35 -31.48 8.31 3.37
N TRP G 36 -31.66 7.38 4.32
CA TRP G 36 -32.74 7.45 5.29
C TRP G 36 -32.22 7.13 6.67
N TYR G 37 -32.50 8.03 7.63
CA TYR G 37 -32.30 7.78 9.05
C TYR G 37 -33.66 7.72 9.73
N ARG G 38 -33.77 6.93 10.79
CA ARG G 38 -35.01 6.79 11.54
C ARG G 38 -34.73 6.98 13.02
N ARG G 39 -35.67 7.63 13.70
CA ARG G 39 -35.59 7.88 15.13
C ARG G 39 -36.85 7.32 15.80
N ALA G 40 -36.67 6.32 16.64
CA ALA G 40 -37.79 5.75 17.35
C ALA G 40 -38.32 6.75 18.38
N PRO G 41 -39.54 6.53 18.89
CA PRO G 41 -40.10 7.49 19.86
C PRO G 41 -39.14 7.85 20.99
N GLY G 42 -38.52 6.88 21.64
CA GLY G 42 -37.67 7.14 22.78
C GLY G 42 -36.19 6.92 22.55
N LYS G 43 -35.83 6.43 21.36
CA LYS G 43 -34.45 6.11 21.06
C LYS G 43 -33.76 7.31 20.41
N GLU G 44 -32.65 7.05 19.72
CA GLU G 44 -31.89 8.08 19.05
C GLU G 44 -31.83 7.78 17.55
N ARG G 45 -31.52 8.81 16.77
CA ARG G 45 -31.46 8.69 15.32
C ARG G 45 -30.63 7.47 14.91
N GLU G 46 -31.21 6.64 14.05
CA GLU G 46 -30.59 5.40 13.62
C GLU G 46 -30.52 5.36 12.10
N PHE G 47 -29.38 4.90 11.59
CA PHE G 47 -29.21 4.73 10.16
C PHE G 47 -30.09 3.59 9.66
N VAL G 48 -30.68 3.79 8.48
CA VAL G 48 -31.53 2.76 7.86
C VAL G 48 -30.90 2.32 6.55
N ALA G 49 -30.89 3.21 5.56
CA ALA G 49 -30.42 2.86 4.23
C ALA G 49 -29.81 4.07 3.56
N ARG G 50 -28.82 3.81 2.71
CA ARG G 50 -28.06 4.83 2.00
C ARG G 50 -27.91 4.43 0.56
N ILE G 51 -27.73 5.43 -0.31
CA ILE G 51 -27.38 5.19 -1.70
C ILE G 51 -26.57 6.39 -2.20
N SER G 52 -25.38 6.13 -2.72
CA SER G 52 -24.45 7.18 -3.11
C SER G 52 -24.74 7.66 -4.53
N SER G 53 -24.00 8.70 -4.93
CA SER G 53 -24.08 9.19 -6.30
C SER G 53 -23.59 8.14 -7.29
N GLY G 54 -22.63 7.31 -6.88
CA GLY G 54 -22.20 6.18 -7.66
C GLY G 54 -23.15 5.01 -7.66
N GLY G 55 -24.27 5.11 -6.94
CA GLY G 55 -25.28 4.08 -6.94
C GLY G 55 -24.90 2.86 -6.12
N ILE G 56 -24.40 3.08 -4.91
CA ILE G 56 -23.96 2.01 -4.03
C ILE G 56 -24.81 2.07 -2.76
N THR G 57 -25.53 0.98 -2.49
CA THR G 57 -26.48 0.92 -1.40
C THR G 57 -25.83 0.28 -0.18
N ARG G 58 -25.94 0.94 0.97
CA ARG G 58 -25.52 0.38 2.25
C ARG G 58 -26.73 0.40 3.19
N TYR G 59 -26.94 -0.71 3.89
CA TYR G 59 -28.12 -0.90 4.73
C TYR G 59 -27.70 -1.20 6.16
N ALA G 60 -28.59 -0.86 7.09
CA ALA G 60 -28.41 -1.24 8.48
C ALA G 60 -28.62 -2.75 8.64
N ASP G 61 -28.00 -3.32 9.67
CA ASP G 61 -28.05 -4.77 9.84
C ASP G 61 -29.47 -5.25 10.06
N SER G 62 -30.25 -4.52 10.86
CA SER G 62 -31.59 -4.98 11.20
C SER G 62 -32.51 -5.01 9.99
N VAL G 63 -32.27 -4.14 9.00
CA VAL G 63 -33.20 -3.97 7.88
C VAL G 63 -32.70 -4.59 6.60
N LYS G 64 -31.51 -5.17 6.59
CA LYS G 64 -30.96 -5.71 5.35
C LYS G 64 -31.79 -6.90 4.90
N GLY G 65 -31.97 -7.01 3.58
CA GLY G 65 -32.75 -8.08 3.01
C GLY G 65 -34.23 -7.72 2.92
N ARG G 66 -34.70 -6.92 3.87
CA ARG G 66 -36.09 -6.49 3.89
C ARG G 66 -36.28 -5.19 3.12
N PHE G 67 -35.52 -4.15 3.49
CA PHE G 67 -35.65 -2.86 2.85
C PHE G 67 -34.75 -2.79 1.61
N THR G 68 -35.21 -2.03 0.62
CA THR G 68 -34.46 -1.80 -0.61
C THR G 68 -34.60 -0.34 -0.99
N ILE G 69 -33.47 0.35 -1.13
CA ILE G 69 -33.43 1.77 -1.44
C ILE G 69 -33.01 1.95 -2.88
N SER G 70 -33.73 2.80 -3.60
CA SER G 70 -33.43 3.11 -4.99
C SER G 70 -33.61 4.60 -5.22
N ARG G 71 -32.90 5.12 -6.22
CA ARG G 71 -32.97 6.52 -6.60
C ARG G 71 -33.36 6.64 -8.06
N ASP G 72 -34.00 7.76 -8.39
CA ASP G 72 -34.45 8.04 -9.76
C ASP G 72 -33.90 9.40 -10.16
N ASN G 73 -32.65 9.43 -10.62
CA ASN G 73 -32.13 10.64 -11.23
C ASN G 73 -33.00 10.98 -12.43
N GLY G 74 -33.28 12.27 -12.57
CA GLY G 74 -34.25 12.76 -13.52
C GLY G 74 -35.58 13.10 -12.91
N LYS G 75 -35.94 12.44 -11.82
CA LYS G 75 -37.06 12.84 -10.98
C LYS G 75 -36.61 13.41 -9.64
N ASN G 76 -35.30 13.41 -9.38
CA ASN G 76 -34.74 13.93 -8.13
C ASN G 76 -35.50 13.35 -6.93
N THR G 77 -35.56 12.02 -6.89
CA THR G 77 -36.29 11.31 -5.85
C THR G 77 -35.52 10.06 -5.46
N VAL G 78 -35.50 9.78 -4.15
CA VAL G 78 -34.95 8.55 -3.60
C VAL G 78 -36.10 7.77 -2.95
N TYR G 79 -36.15 6.48 -3.24
CA TYR G 79 -37.22 5.61 -2.77
C TYR G 79 -36.68 4.67 -1.71
N LEU G 80 -37.50 4.41 -0.69
CA LEU G 80 -37.24 3.37 0.31
C LEU G 80 -38.38 2.38 0.27
N ASP G 81 -38.10 1.18 -0.24
CA ASP G 81 -39.12 0.13 -0.35
C ASP G 81 -39.03 -0.75 0.89
N MET G 82 -39.97 -0.55 1.82
CA MET G 82 -40.02 -1.31 3.06
C MET G 82 -40.89 -2.55 2.88
N ASN G 83 -40.33 -3.71 3.21
CA ASN G 83 -41.03 -4.98 3.07
C ASN G 83 -40.86 -5.79 4.34
N SER G 84 -41.86 -6.62 4.64
CA SER G 84 -41.86 -7.48 5.82
C SER G 84 -41.59 -6.65 7.08
N LEU G 85 -42.36 -5.58 7.23
CA LEU G 85 -42.14 -4.68 8.36
C LEU G 85 -42.32 -5.41 9.68
N LYS G 86 -41.78 -4.81 10.74
CA LYS G 86 -41.85 -5.38 12.07
C LYS G 86 -42.04 -4.24 13.07
N PRO G 87 -42.60 -4.55 14.24
CA PRO G 87 -42.80 -3.48 15.26
C PRO G 87 -41.56 -2.64 15.52
N GLU G 88 -40.36 -3.24 15.47
CA GLU G 88 -39.15 -2.47 15.72
C GLU G 88 -38.92 -1.40 14.66
N ASP G 89 -39.58 -1.50 13.52
CA ASP G 89 -39.45 -0.50 12.47
C ASP G 89 -40.34 0.71 12.68
N THR G 90 -41.16 0.72 13.73
CA THR G 90 -41.99 1.88 14.04
C THR G 90 -41.11 3.04 14.48
N ALA G 91 -41.13 4.12 13.71
CA ALA G 91 -40.31 5.30 14.00
C ALA G 91 -40.64 6.37 12.97
N VAL G 92 -40.17 7.58 13.23
CA VAL G 92 -40.26 8.66 12.26
C VAL G 92 -39.07 8.54 11.32
N TYR G 93 -39.36 8.43 10.03
CA TYR G 93 -38.33 8.23 9.01
C TYR G 93 -38.00 9.57 8.36
N TYR G 94 -36.73 9.96 8.40
CA TYR G 94 -36.27 11.24 7.88
C TYR G 94 -35.43 11.01 6.64
N CYS G 95 -35.56 11.93 5.69
CA CYS G 95 -34.75 11.92 4.47
C CYS G 95 -33.42 12.59 4.74
N MET G 96 -32.42 12.21 3.94
CA MET G 96 -31.07 12.75 4.07
C MET G 96 -30.56 13.18 2.71
N TYR G 97 -29.73 14.23 2.72
CA TYR G 97 -29.14 14.77 1.50
C TYR G 97 -27.73 15.24 1.84
N ARG G 98 -26.74 14.44 1.46
CA ARG G 98 -25.33 14.74 1.72
C ARG G 98 -24.76 15.50 0.52
N ASN G 99 -24.50 16.79 0.70
CA ASN G 99 -23.82 17.61 -0.30
C ASN G 99 -22.51 18.11 0.29
N TRP G 100 -21.43 17.92 -0.47
CA TRP G 100 -20.11 18.39 -0.05
C TRP G 100 -19.89 19.83 -0.51
N GLY G 101 -19.08 20.01 -1.55
CA GLY G 101 -18.80 21.34 -2.05
C GLY G 101 -18.32 22.30 -0.98
N GLY G 102 -19.26 22.97 -0.30
CA GLY G 102 -18.89 23.96 0.69
C GLY G 102 -18.07 23.40 1.83
N GLY G 103 -18.30 22.13 2.17
CA GLY G 103 -17.61 21.52 3.30
C GLY G 103 -18.50 20.56 4.06
N LEU G 104 -19.28 19.76 3.32
CA LEU G 104 -20.18 18.75 3.87
C LEU G 104 -21.36 19.36 4.60
N ASP G 105 -22.47 19.53 3.89
CA ASP G 105 -23.76 19.81 4.52
C ASP G 105 -24.62 18.56 4.46
N VAL G 106 -25.45 18.39 5.49
CA VAL G 106 -26.40 17.28 5.56
C VAL G 106 -27.78 17.90 5.80
N TYR G 107 -28.71 17.63 4.91
CA TYR G 107 -30.06 18.17 4.98
C TYR G 107 -31.04 17.07 5.32
N TRP G 108 -31.96 17.37 6.22
CA TRP G 108 -32.97 16.43 6.67
C TRP G 108 -34.36 16.91 6.29
N GLY G 109 -35.30 15.96 6.24
CA GLY G 109 -36.70 16.31 6.19
C GLY G 109 -37.28 16.41 7.59
N GLN G 110 -38.48 17.01 7.67
CA GLN G 110 -39.12 17.15 8.97
C GLN G 110 -39.73 15.84 9.46
N GLY G 111 -39.84 14.84 8.59
CA GLY G 111 -40.17 13.49 9.03
C GLY G 111 -41.50 12.98 8.54
N THR G 112 -41.62 11.65 8.45
CA THR G 112 -42.85 10.98 8.07
C THR G 112 -43.09 9.82 9.03
N GLN G 113 -44.30 9.76 9.58
CA GLN G 113 -44.62 8.77 10.60
C GLN G 113 -44.81 7.39 9.99
N VAL G 114 -44.24 6.38 10.63
CA VAL G 114 -44.40 4.98 10.25
C VAL G 114 -44.67 4.19 11.51
N THR G 115 -45.81 3.49 11.54
CA THR G 115 -46.22 2.72 12.71
C THR G 115 -46.63 1.32 12.26
N VAL G 116 -46.03 0.32 12.89
CA VAL G 116 -46.29 -1.09 12.59
C VAL G 116 -46.99 -1.70 13.79
N SER G 117 -48.09 -2.40 13.54
CA SER G 117 -48.89 -3.02 14.58
C SER G 117 -49.04 -4.51 14.30
N SER G 118 -49.92 -5.16 15.06
CA SER G 118 -50.20 -6.59 14.91
C SER G 118 -48.97 -7.45 15.20
N TRP H 43 -3.19 14.78 -19.90
CA TRP H 43 -3.14 13.55 -19.12
C TRP H 43 -1.71 13.00 -19.05
N PRO H 44 -1.09 12.97 -17.85
CA PRO H 44 -1.57 13.44 -16.54
C PRO H 44 -1.24 14.91 -16.31
N GLN H 45 -2.27 15.71 -16.02
CA GLN H 45 -2.09 17.14 -15.81
C GLN H 45 -2.11 17.43 -14.31
N ARG H 46 -1.03 18.03 -13.81
CA ARG H 46 -1.01 18.52 -12.44
C ARG H 46 -1.96 19.70 -12.31
N VAL H 47 -2.83 19.63 -11.30
CA VAL H 47 -3.98 20.52 -11.19
C VAL H 47 -3.88 21.31 -9.89
N VAL H 48 -4.13 22.61 -9.98
CA VAL H 48 -4.24 23.47 -8.81
C VAL H 48 -5.66 24.03 -8.83
N THR H 49 -6.48 23.58 -7.88
CA THR H 49 -7.87 24.00 -7.87
C THR H 49 -7.99 25.42 -7.28
N LYS H 50 -9.09 26.07 -7.65
CA LYS H 50 -9.38 27.44 -7.23
C LYS H 50 -8.88 27.74 -5.82
N LYS H 51 -9.26 26.93 -4.84
CA LYS H 51 -8.92 27.18 -3.45
C LYS H 51 -7.48 26.80 -3.11
N GLY H 52 -6.65 26.51 -4.10
CA GLY H 52 -5.24 26.28 -3.85
C GLY H 52 -4.89 24.89 -3.39
N ARG H 53 -5.68 23.89 -3.75
CA ARG H 53 -5.35 22.50 -3.50
C ARG H 53 -4.75 21.87 -4.75
N THR H 54 -3.89 20.88 -4.55
CA THR H 54 -3.17 20.24 -5.64
C THR H 54 -3.50 18.76 -5.68
N PHE H 55 -3.72 18.26 -6.89
CA PHE H 55 -3.91 16.83 -7.12
C PHE H 55 -3.65 16.57 -8.60
N LEU H 56 -3.48 15.30 -8.92
CA LEU H 56 -3.12 14.89 -10.28
C LEU H 56 -4.39 14.39 -10.97
N TYR H 57 -4.84 15.14 -11.97
CA TYR H 57 -6.05 14.78 -12.69
C TYR H 57 -5.71 13.94 -13.93
N PRO H 58 -6.48 12.85 -14.16
CA PRO H 58 -7.60 12.31 -13.39
C PRO H 58 -7.17 11.23 -12.39
N ASN H 59 -5.88 10.89 -12.41
CA ASN H 59 -5.40 9.71 -11.69
C ASN H 59 -5.73 9.77 -10.20
N ASP H 60 -5.57 10.95 -9.58
CA ASP H 60 -5.86 11.07 -8.16
C ASP H 60 -7.34 10.95 -7.83
N LEU H 61 -8.21 11.00 -8.83
CA LEU H 61 -9.63 10.77 -8.62
C LEU H 61 -10.04 9.33 -8.89
N LEU H 62 -9.14 8.51 -9.43
CA LEU H 62 -9.43 7.11 -9.74
C LEU H 62 -8.94 6.17 -8.65
N GLN H 63 -8.92 6.62 -7.40
CA GLN H 63 -8.36 5.85 -6.31
C GLN H 63 -9.39 5.64 -5.21
N THR H 64 -9.19 4.57 -4.44
CA THR H 64 -10.02 4.31 -3.28
C THR H 64 -9.94 5.43 -2.27
N ASN H 65 -8.76 6.08 -2.14
CA ASN H 65 -8.55 7.13 -1.16
C ASN H 65 -8.69 8.49 -1.82
N PRO H 66 -9.21 9.48 -1.11
CA PRO H 66 -9.34 10.82 -1.69
C PRO H 66 -7.98 11.49 -1.81
N PRO H 67 -7.85 12.49 -2.68
CA PRO H 67 -6.59 13.21 -2.77
C PRO H 67 -6.15 13.73 -1.39
N GLU H 68 -4.86 13.63 -1.12
CA GLU H 68 -4.34 14.07 0.17
C GLU H 68 -4.64 15.54 0.42
N SER H 69 -4.63 16.36 -0.63
CA SER H 69 -4.90 17.79 -0.46
C SER H 69 -6.25 18.03 0.22
N LEU H 70 -7.27 17.27 -0.18
CA LEU H 70 -8.60 17.46 0.38
C LEU H 70 -8.62 17.09 1.86
N ILE H 71 -7.94 16.02 2.25
CA ILE H 71 -7.87 15.64 3.65
C ILE H 71 -7.24 16.76 4.47
N THR H 72 -6.11 17.28 3.99
CA THR H 72 -5.45 18.39 4.69
C THR H 72 -6.40 19.55 4.89
N ALA H 73 -7.06 19.99 3.81
CA ALA H 73 -8.00 21.10 3.92
C ALA H 73 -9.06 20.84 4.99
N LEU H 74 -9.64 19.64 4.98
CA LEU H 74 -10.67 19.33 5.97
C LEU H 74 -10.10 19.28 7.37
N VAL H 75 -8.86 18.86 7.52
CA VAL H 75 -8.27 18.70 8.84
C VAL H 75 -7.80 20.03 9.40
N GLU H 76 -6.97 20.75 8.63
CA GLU H 76 -6.36 21.98 9.14
C GLU H 76 -7.30 23.16 9.00
N GLU H 77 -7.68 23.49 7.77
CA GLU H 77 -8.45 24.71 7.54
C GLU H 77 -9.88 24.58 8.05
N TYR H 78 -10.59 23.53 7.64
CA TYR H 78 -12.00 23.42 7.94
C TYR H 78 -12.29 23.00 9.37
N GLN H 79 -11.26 22.80 10.20
CA GLN H 79 -11.45 22.59 11.63
C GLN H 79 -12.21 21.30 11.93
N ASN H 80 -12.33 20.40 10.96
CA ASN H 80 -13.14 19.19 11.10
C ASN H 80 -12.31 17.96 10.75
N PRO H 81 -11.64 17.36 11.76
CA PRO H 81 -11.04 16.04 11.52
C PRO H 81 -12.06 14.93 11.37
N VAL H 82 -13.28 15.12 11.86
CA VAL H 82 -14.30 14.10 11.71
C VAL H 82 -14.85 14.10 10.29
N SER H 83 -14.81 15.24 9.61
CA SER H 83 -15.22 15.28 8.20
C SER H 83 -14.20 14.55 7.32
N ALA H 84 -12.92 14.64 7.68
CA ALA H 84 -11.88 14.01 6.87
C ALA H 84 -12.08 12.49 6.82
N LYS H 85 -12.42 11.88 7.95
CA LYS H 85 -12.65 10.43 7.97
C LYS H 85 -14.05 10.05 7.51
N GLU H 86 -14.97 11.01 7.40
CA GLU H 86 -16.21 10.76 6.68
C GLU H 86 -15.98 10.86 5.17
N LEU H 87 -15.15 11.80 4.73
CA LEU H 87 -14.79 11.87 3.31
C LEU H 87 -14.11 10.59 2.86
N GLN H 88 -13.20 10.06 3.68
CA GLN H 88 -12.56 8.79 3.36
C GLN H 88 -13.60 7.68 3.21
N ALA H 89 -14.65 7.72 4.03
CA ALA H 89 -15.66 6.67 4.01
C ALA H 89 -16.60 6.82 2.82
N ASP H 90 -16.98 8.06 2.49
CA ASP H 90 -17.86 8.26 1.36
C ASP H 90 -17.16 7.99 0.03
N TRP H 91 -15.85 8.26 -0.03
CA TRP H 91 -15.16 8.34 -1.32
C TRP H 91 -15.33 7.10 -2.17
N PRO H 92 -15.09 5.88 -1.67
CA PRO H 92 -15.15 4.71 -2.58
C PRO H 92 -16.48 4.57 -3.29
N ASP H 93 -17.58 4.87 -2.60
CA ASP H 93 -18.91 4.71 -3.18
C ASP H 93 -19.33 5.90 -4.01
N MET H 94 -18.53 6.96 -4.06
CA MET H 94 -18.88 8.12 -4.88
C MET H 94 -18.68 7.81 -6.36
N SER H 95 -19.40 8.56 -7.20
CA SER H 95 -19.18 8.52 -8.63
C SER H 95 -18.00 9.41 -9.00
N PHE H 96 -17.54 9.27 -10.25
CA PHE H 96 -16.43 10.09 -10.69
C PHE H 96 -16.80 11.56 -10.71
N ASP H 97 -18.05 11.87 -11.12
CA ASP H 97 -18.46 13.26 -11.19
C ASP H 97 -18.49 13.90 -9.81
N GLU H 98 -19.02 13.20 -8.81
CA GLU H 98 -18.99 13.73 -7.45
C GLU H 98 -17.56 13.84 -6.93
N ARG H 99 -16.69 12.90 -7.32
CA ARG H 99 -15.29 12.98 -6.92
C ARG H 99 -14.65 14.25 -7.44
N ARG H 100 -14.79 14.52 -8.74
CA ARG H 100 -14.21 15.72 -9.31
C ARG H 100 -14.82 16.97 -8.69
N HIS H 101 -16.15 17.05 -8.65
CA HIS H 101 -16.82 18.23 -8.12
C HIS H 101 -16.27 18.58 -6.74
N VAL H 102 -16.19 17.60 -5.84
CA VAL H 102 -15.69 17.85 -4.50
C VAL H 102 -14.28 18.41 -4.56
N ALA H 103 -13.39 17.72 -5.30
CA ALA H 103 -12.00 18.16 -5.37
C ALA H 103 -11.90 19.56 -5.96
N MET H 104 -12.74 19.88 -6.95
CA MET H 104 -12.66 21.18 -7.59
C MET H 104 -13.23 22.29 -6.71
N ASN H 105 -14.19 21.96 -5.84
CA ASN H 105 -14.93 22.96 -5.08
C ASN H 105 -14.76 22.77 -3.58
N LEU H 106 -13.63 22.23 -3.14
CA LEU H 106 -13.33 22.13 -1.72
C LEU H 106 -12.14 23.02 -1.37
#